data_5IV9
#
_entry.id   5IV9
#
_cell.length_a   131.219
_cell.length_b   155.459
_cell.length_c   197.757
_cell.angle_alpha   90.00
_cell.angle_beta   90.00
_cell.angle_gamma   90.00
#
_symmetry.space_group_name_H-M   'I 2 2 2'
#
loop_
_entity.id
_entity.type
_entity.pdbx_description
1 polymer 'LPS-assembly protein LptD'
2 polymer 'LPS-assembly lipoprotein LptE'
3 non-polymer (HYDROXYETHYLOXY)TRI(ETHYLOXY)OCTANE
#
loop_
_entity_poly.entity_id
_entity_poly.type
_entity_poly.pdbx_seq_one_letter_code
_entity_poly.pdbx_strand_id
1 'polypeptide(L)'
;ADLATQCMLGVPSYDRPLVEGRPGDLPVTINADHAKGNYPDNAVFTGNVDINQGNSRLRADEVQLHQQQAAGQAQPVRTV
DALGNVHYDDNQVILKGPKAWSNLNTKDTNVWQGDYQMVGRQGRGTADLMKQRGENRYTILENGSFTSCLPGSDTWSVVG
SEVIHDREEQVAEIWNARFKLGSVPIFYSPYLQLPVGDKRRSGFLIPNAKYSTKNGVEFSLPYYWNIAPNFDATITPHYM
NKRGGVMWENEFRYLTQLGSGLTEFDYLPSDKVYEDDHSSDSNSRRWLFYWNHSGVIDQVWRLNADYTKVSDPDYFNDFS
SKYGSSTDGYATQKFSAGYVNQNFDATVSTKQFQVFDRESSNSYSAEPQLDVNYYQNDVGPFDTHLYGQVAHFVNSNNNM
PEATRVHFEPTINLPLSNGWGSLNTEAKLLATHYQQSNLDKYNAANGTDYKESVSRVMPQFKVDGKMVFERDLQEGFTQT
LEPRVQYLYVPYRDQSEIGNYDSTLLQSDYTGLFRDRTYSGLDRIASANQVTTGLTSRVYDAAAVERFNISVGQIYYFTE
SRTGDDNINWENNDTTGSLVWAGDTYWRIADEWGLRGGIQYDTRLDNVATGNGTIEYRRDENRLVQLNYRYASPEYIQAT
LPSYSTAAQYKQGISQVGMTASWPIVDRWSVVGAYYYDTNTRKAANQMLGVQYNSCCYAIRLGYERKVNGWNSNDNGGES
KYDNTFGINIELRGLSSNYGLGTQQMLRSNILPYQSSL
;
A
2 'polypeptide(L)'
;GWHLRSTTKVPTTMKTMILQSSDPNGPLSRAVRNQLRLNGVDLIDASTLRKDVPSLRLDGSSIQKDTASVFQDGRTAEYQ
MVMTVHASVLIPGHDIYPITTKVYRSFFDNPQAALAKDAEQDMIIQEMYDKAAEQLIRKLPSVQVADVEATQQEEKPVAG
STAPASSGNRVSTTLGQ
;
B
#
# COMPACT_ATOMS: atom_id res chain seq x y z
N ALA A 1 15.72 -17.83 -3.48
CA ALA A 1 15.52 -19.23 -3.81
C ALA A 1 14.04 -19.57 -3.93
N ASP A 2 13.73 -20.85 -4.12
CA ASP A 2 12.36 -21.31 -4.23
C ASP A 2 12.01 -22.33 -3.14
N LEU A 3 12.38 -22.01 -1.90
CA LEU A 3 12.22 -22.87 -0.71
C LEU A 3 11.11 -23.93 -0.77
N ALA A 4 10.03 -23.61 -1.47
CA ALA A 4 8.94 -24.56 -1.71
C ALA A 4 9.44 -25.86 -2.33
N THR A 5 10.37 -25.74 -3.27
CA THR A 5 10.96 -26.92 -3.90
C THR A 5 11.80 -27.70 -2.89
N GLN A 6 12.48 -26.97 -2.02
CA GLN A 6 13.31 -27.57 -0.98
C GLN A 6 12.46 -28.35 0.02
N CYS A 7 11.24 -27.86 0.26
CA CYS A 7 10.33 -28.52 1.18
C CYS A 7 9.56 -29.65 0.48
N MET A 8 9.68 -29.71 -0.84
CA MET A 8 9.05 -30.78 -1.61
C MET A 8 10.02 -31.92 -1.87
N LEU A 9 11.21 -31.82 -1.29
CA LEU A 9 12.23 -32.86 -1.46
C LEU A 9 11.86 -34.13 -0.70
N GLY A 10 11.50 -33.98 0.58
CA GLY A 10 11.10 -35.10 1.40
C GLY A 10 9.73 -35.63 1.01
N VAL A 11 8.96 -34.79 0.33
CA VAL A 11 7.62 -35.16 -0.12
C VAL A 11 7.70 -35.92 -1.45
N PRO A 12 7.07 -37.11 -1.51
CA PRO A 12 7.05 -37.94 -2.71
C PRO A 12 6.43 -37.23 -3.91
N SER A 13 6.84 -37.64 -5.11
CA SER A 13 6.39 -36.99 -6.33
C SER A 13 5.18 -37.68 -6.95
N TYR A 14 5.10 -38.99 -6.77
CA TYR A 14 4.03 -39.83 -7.33
C TYR A 14 4.00 -39.83 -8.85
N ASP A 15 4.32 -40.98 -9.44
CA ASP A 15 4.20 -41.16 -10.88
C ASP A 15 2.82 -41.71 -11.21
N ARG A 16 2.79 -42.79 -11.99
CA ARG A 16 1.56 -43.55 -12.26
C ARG A 16 0.50 -42.76 -13.06
N PRO A 17 -0.34 -43.48 -13.81
CA PRO A 17 -1.43 -42.82 -14.53
C PRO A 17 -2.54 -42.34 -13.60
N LEU A 18 -2.97 -41.09 -13.78
CA LEU A 18 -4.02 -40.52 -12.96
C LEU A 18 -5.39 -40.90 -13.49
N VAL A 19 -6.15 -41.64 -12.69
CA VAL A 19 -7.48 -42.09 -13.10
C VAL A 19 -8.57 -41.14 -12.63
N GLU A 20 -9.38 -40.66 -13.58
CA GLU A 20 -10.46 -39.73 -13.28
C GLU A 20 -11.69 -40.47 -12.76
N GLY A 21 -12.03 -40.23 -11.49
CA GLY A 21 -13.19 -40.86 -10.90
C GLY A 21 -12.87 -41.61 -9.62
N ARG A 22 -13.60 -42.69 -9.38
CA ARG A 22 -13.40 -43.51 -8.19
C ARG A 22 -13.07 -44.95 -8.53
N PRO A 23 -12.06 -45.53 -7.87
CA PRO A 23 -11.66 -46.92 -8.09
C PRO A 23 -12.53 -47.92 -7.34
N GLY A 24 -13.85 -47.76 -7.44
CA GLY A 24 -14.79 -48.64 -6.77
C GLY A 24 -15.40 -49.65 -7.70
N ASP A 25 -15.84 -49.20 -8.86
CA ASP A 25 -16.45 -50.08 -9.85
C ASP A 25 -15.39 -50.74 -10.73
N LEU A 26 -14.17 -50.18 -10.69
CA LEU A 26 -13.06 -50.70 -11.47
C LEU A 26 -12.66 -52.10 -11.00
N PRO A 27 -12.30 -52.98 -11.95
CA PRO A 27 -11.90 -54.36 -11.66
C PRO A 27 -10.69 -54.45 -10.74
N VAL A 28 -10.47 -55.62 -10.15
CA VAL A 28 -9.36 -55.82 -9.23
C VAL A 28 -8.34 -56.81 -9.79
N THR A 29 -7.12 -56.35 -10.00
CA THR A 29 -6.06 -57.19 -10.53
C THR A 29 -5.18 -57.73 -9.41
N ILE A 30 -5.06 -59.05 -9.34
CA ILE A 30 -4.28 -59.69 -8.29
C ILE A 30 -3.13 -60.51 -8.86
N ASN A 31 -1.91 -60.13 -8.51
CA ASN A 31 -0.72 -60.85 -8.95
C ASN A 31 0.15 -61.26 -7.78
N ALA A 32 0.29 -62.57 -7.57
CA ALA A 32 1.11 -63.08 -6.48
C ALA A 32 1.81 -64.37 -6.89
N ASP A 33 2.56 -64.96 -5.96
CA ASP A 33 3.18 -66.25 -6.19
C ASP A 33 2.29 -67.38 -5.65
N HIS A 34 1.58 -67.08 -4.56
CA HIS A 34 0.78 -68.08 -3.84
C HIS A 34 -0.70 -67.65 -3.67
N ALA A 35 -1.63 -68.61 -3.72
CA ALA A 35 -3.08 -68.33 -3.83
C ALA A 35 -4.05 -69.50 -3.59
N LYS A 36 -4.37 -69.83 -2.34
CA LYS A 36 -5.19 -71.01 -2.03
C LYS A 36 -6.62 -70.68 -1.59
N GLY A 37 -7.55 -71.59 -1.86
CA GLY A 37 -8.89 -71.48 -1.32
C GLY A 37 -9.90 -70.89 -2.30
N ASN A 38 -11.16 -70.82 -1.89
CA ASN A 38 -12.20 -70.35 -2.78
C ASN A 38 -12.19 -68.83 -2.98
N TYR A 39 -11.53 -68.45 -4.08
CA TYR A 39 -11.68 -67.19 -4.82
C TYR A 39 -12.89 -66.27 -4.57
N PRO A 40 -14.15 -66.78 -4.53
CA PRO A 40 -15.17 -65.75 -4.31
C PRO A 40 -15.65 -65.78 -2.87
N ASP A 41 -15.11 -66.74 -2.11
CA ASP A 41 -15.47 -66.98 -0.74
C ASP A 41 -14.26 -66.68 0.15
N ASN A 42 -13.38 -67.65 0.30
CA ASN A 42 -12.20 -67.51 1.15
C ASN A 42 -10.89 -67.63 0.38
N ALA A 43 -10.42 -66.51 -0.16
CA ALA A 43 -9.18 -66.50 -0.94
C ALA A 43 -7.98 -66.18 -0.06
N VAL A 44 -6.85 -66.84 -0.31
CA VAL A 44 -5.65 -66.65 0.51
C VAL A 44 -4.40 -66.50 -0.36
N PHE A 45 -3.97 -65.25 -0.57
CA PHE A 45 -2.76 -65.01 -1.34
C PHE A 45 -1.55 -64.83 -0.44
N THR A 46 -0.40 -65.33 -0.89
CA THR A 46 0.83 -65.23 -0.12
C THR A 46 2.04 -65.04 -1.05
N GLY A 47 3.11 -64.46 -0.51
CA GLY A 47 4.36 -64.30 -1.23
C GLY A 47 4.36 -63.12 -2.18
N ASN A 48 4.69 -61.94 -1.66
CA ASN A 48 4.78 -60.73 -2.45
C ASN A 48 3.50 -60.44 -3.24
N VAL A 49 2.37 -60.43 -2.54
CA VAL A 49 1.08 -60.18 -3.17
C VAL A 49 0.93 -58.73 -3.59
N ASP A 50 0.67 -58.53 -4.88
CA ASP A 50 0.48 -57.19 -5.43
C ASP A 50 -0.93 -57.08 -6.01
N ILE A 51 -1.74 -56.22 -5.40
CA ILE A 51 -3.11 -56.00 -5.82
C ILE A 51 -3.33 -54.56 -6.29
N ASN A 52 -3.80 -54.41 -7.52
CA ASN A 52 -4.05 -53.09 -8.08
C ASN A 52 -5.51 -52.88 -8.46
N GLN A 53 -6.00 -51.67 -8.22
CA GLN A 53 -7.36 -51.30 -8.57
C GLN A 53 -7.47 -49.81 -8.84
N GLY A 54 -7.27 -49.42 -10.10
CA GLY A 54 -7.33 -48.03 -10.49
C GLY A 54 -6.20 -47.21 -9.89
N ASN A 55 -6.47 -46.59 -8.75
CA ASN A 55 -5.46 -45.81 -8.05
C ASN A 55 -5.00 -46.50 -6.77
N SER A 56 -5.65 -47.62 -6.45
CA SER A 56 -5.32 -48.39 -5.25
C SER A 56 -4.21 -49.39 -5.51
N ARG A 57 -2.99 -49.04 -5.10
CA ARG A 57 -1.85 -49.92 -5.24
C ARG A 57 -1.46 -50.52 -3.89
N LEU A 58 -1.78 -51.79 -3.70
CA LEU A 58 -1.51 -52.46 -2.42
C LEU A 58 -0.48 -53.57 -2.58
N ARG A 59 0.51 -53.59 -1.69
CA ARG A 59 1.51 -54.66 -1.70
C ARG A 59 1.69 -55.23 -0.30
N ALA A 60 1.61 -56.56 -0.19
CA ALA A 60 1.74 -57.20 1.11
C ALA A 60 2.41 -58.57 1.01
N ASP A 61 2.53 -59.24 2.14
CA ASP A 61 3.09 -60.58 2.19
C ASP A 61 1.98 -61.64 2.16
N GLU A 62 0.88 -61.33 2.83
CA GLU A 62 -0.27 -62.24 2.86
C GLU A 62 -1.58 -61.47 2.89
N VAL A 63 -2.47 -61.78 1.95
CA VAL A 63 -3.76 -61.11 1.84
C VAL A 63 -4.90 -62.12 1.86
N GLN A 64 -5.93 -61.86 2.66
CA GLN A 64 -7.06 -62.77 2.75
C GLN A 64 -8.38 -62.10 2.38
N LEU A 65 -9.15 -62.76 1.53
CA LEU A 65 -10.46 -62.26 1.12
C LEU A 65 -11.55 -63.15 1.70
N HIS A 66 -12.31 -62.59 2.64
CA HIS A 66 -13.38 -63.31 3.31
C HIS A 66 -14.71 -62.61 3.12
N GLN A 67 -15.65 -63.34 2.52
CA GLN A 67 -16.93 -62.73 2.14
C GLN A 67 -18.09 -63.13 3.07
N GLN A 68 -19.17 -62.35 2.96
CA GLN A 68 -20.46 -62.61 3.62
C GLN A 68 -21.54 -62.93 2.55
N GLN A 69 -22.76 -63.28 2.95
CA GLN A 69 -23.84 -63.68 2.01
C GLN A 69 -24.18 -62.66 0.90
N ALA A 70 -24.49 -61.43 1.30
CA ALA A 70 -24.90 -60.35 0.40
C ALA A 70 -25.98 -60.78 -0.60
N ALA A 71 -26.76 -61.78 -0.21
CA ALA A 71 -27.72 -62.41 -1.11
C ALA A 71 -28.92 -61.51 -1.33
N GLY A 72 -29.90 -62.00 -2.08
CA GLY A 72 -31.02 -61.16 -2.46
C GLY A 72 -30.47 -59.94 -3.18
N GLN A 73 -30.37 -58.82 -2.49
CA GLN A 73 -29.91 -57.60 -3.15
C GLN A 73 -28.76 -56.88 -2.43
N ALA A 74 -27.63 -56.70 -3.11
CA ALA A 74 -27.44 -57.16 -4.49
C ALA A 74 -25.98 -57.49 -4.72
N GLN A 75 -25.15 -56.48 -4.46
CA GLN A 75 -23.72 -56.56 -4.68
C GLN A 75 -23.10 -57.58 -3.76
N PRO A 76 -21.83 -57.96 -4.01
CA PRO A 76 -21.15 -58.70 -2.97
C PRO A 76 -20.42 -57.80 -1.99
N VAL A 77 -20.72 -58.06 -0.73
CA VAL A 77 -20.01 -57.55 0.45
C VAL A 77 -18.47 -57.49 0.36
N ARG A 78 -17.90 -57.55 -0.86
CA ARG A 78 -16.45 -57.61 -1.10
C ARG A 78 -15.61 -57.09 0.04
N THR A 79 -15.27 -58.02 0.92
CA THR A 79 -14.56 -57.71 2.15
C THR A 79 -13.16 -58.27 2.04
N VAL A 80 -12.19 -57.37 2.01
CA VAL A 80 -10.79 -57.77 1.88
C VAL A 80 -10.08 -57.58 3.20
N ASP A 81 -9.47 -58.64 3.70
CA ASP A 81 -8.70 -58.56 4.93
C ASP A 81 -7.21 -58.63 4.64
N ALA A 82 -6.39 -58.19 5.59
CA ALA A 82 -4.95 -58.19 5.42
C ALA A 82 -4.24 -58.49 6.74
N LEU A 83 -3.41 -59.52 6.73
CA LEU A 83 -2.81 -60.04 7.96
C LEU A 83 -1.55 -59.28 8.36
N GLY A 84 -0.50 -59.36 7.54
CA GLY A 84 0.78 -58.77 7.89
C GLY A 84 1.53 -58.09 6.76
N ASN A 85 2.44 -57.18 7.13
CA ASN A 85 3.27 -56.44 6.18
C ASN A 85 2.46 -55.72 5.11
N VAL A 86 1.45 -54.97 5.54
CA VAL A 86 0.59 -54.24 4.61
C VAL A 86 1.18 -52.89 4.23
N HIS A 87 1.47 -52.76 2.94
CA HIS A 87 1.99 -51.51 2.38
C HIS A 87 1.03 -50.97 1.33
N TYR A 88 0.21 -50.00 1.73
CA TYR A 88 -0.77 -49.41 0.82
C TYR A 88 -0.27 -48.08 0.27
N ASP A 89 -0.60 -47.81 -0.98
CA ASP A 89 -0.16 -46.60 -1.66
C ASP A 89 -1.17 -46.20 -2.74
N ASP A 90 -1.42 -44.89 -2.86
CA ASP A 90 -2.31 -44.38 -3.88
C ASP A 90 -1.86 -43.01 -4.38
N ASN A 91 -2.82 -42.16 -4.71
CA ASN A 91 -2.53 -40.84 -5.24
C ASN A 91 -2.61 -39.75 -4.18
N GLN A 92 -2.90 -40.15 -2.94
CA GLN A 92 -3.11 -39.19 -1.86
C GLN A 92 -2.21 -39.43 -0.65
N VAL A 93 -2.24 -40.65 -0.11
CA VAL A 93 -1.51 -40.94 1.11
C VAL A 93 -0.96 -42.37 1.16
N ILE A 94 0.31 -42.49 1.54
CA ILE A 94 0.94 -43.79 1.74
C ILE A 94 0.72 -44.30 3.16
N LEU A 95 0.24 -45.53 3.26
CA LEU A 95 -0.04 -46.17 4.54
C LEU A 95 0.83 -47.40 4.74
N LYS A 96 1.35 -47.57 5.95
CA LYS A 96 2.12 -48.76 6.29
C LYS A 96 1.69 -49.33 7.64
N GLY A 97 1.27 -50.59 7.66
CA GLY A 97 0.81 -51.19 8.90
C GLY A 97 0.78 -52.70 8.89
N PRO A 98 0.70 -53.31 10.09
CA PRO A 98 0.63 -54.77 10.22
C PRO A 98 -0.72 -55.34 9.77
N LYS A 99 -1.79 -55.04 10.49
CA LYS A 99 -3.11 -55.57 10.18
C LYS A 99 -3.97 -54.53 9.47
N ALA A 100 -4.67 -54.97 8.42
CA ALA A 100 -5.52 -54.07 7.66
C ALA A 100 -6.84 -54.71 7.25
N TRP A 101 -7.77 -53.87 6.81
CA TRP A 101 -9.10 -54.30 6.39
C TRP A 101 -9.62 -53.29 5.36
N SER A 102 -10.50 -53.72 4.47
CA SER A 102 -11.03 -52.83 3.45
C SER A 102 -12.30 -53.34 2.78
N ASN A 103 -13.28 -52.45 2.69
CA ASN A 103 -14.50 -52.69 1.91
C ASN A 103 -14.45 -51.83 0.66
N LEU A 104 -14.44 -52.48 -0.50
CA LEU A 104 -14.18 -51.80 -1.77
C LEU A 104 -15.43 -51.19 -2.40
N ASN A 105 -16.61 -51.54 -1.89
CA ASN A 105 -17.85 -50.96 -2.37
C ASN A 105 -17.97 -49.51 -1.90
N THR A 106 -17.86 -49.31 -0.59
CA THR A 106 -17.98 -47.99 0.00
C THR A 106 -16.61 -47.32 0.14
N LYS A 107 -15.57 -48.05 -0.29
CA LYS A 107 -14.19 -47.58 -0.23
C LYS A 107 -13.77 -47.24 1.19
N ASP A 108 -14.18 -48.07 2.15
CA ASP A 108 -13.85 -47.86 3.56
C ASP A 108 -12.64 -48.70 3.95
N THR A 109 -11.54 -48.04 4.29
CA THR A 109 -10.32 -48.77 4.63
C THR A 109 -9.88 -48.53 6.07
N ASN A 110 -9.47 -49.61 6.74
CA ASN A 110 -8.98 -49.52 8.12
C ASN A 110 -7.59 -50.14 8.25
N VAL A 111 -6.74 -49.50 9.05
CA VAL A 111 -5.39 -50.00 9.32
C VAL A 111 -5.08 -49.87 10.80
N TRP A 112 -4.66 -50.98 11.43
CA TRP A 112 -4.40 -50.97 12.86
C TRP A 112 -2.92 -50.79 13.20
N GLN A 113 -2.64 -49.85 14.09
CA GLN A 113 -1.28 -49.57 14.58
C GLN A 113 -0.31 -49.31 13.43
N GLY A 114 -0.55 -48.26 12.66
CA GLY A 114 0.27 -47.98 11.50
C GLY A 114 0.75 -46.55 11.39
N ASP A 115 1.58 -46.31 10.37
CA ASP A 115 2.10 -44.97 10.10
C ASP A 115 1.67 -44.49 8.71
N TYR A 116 1.48 -43.18 8.59
CA TYR A 116 0.98 -42.59 7.35
C TYR A 116 1.82 -41.40 6.89
N GLN A 117 1.84 -41.18 5.58
CA GLN A 117 2.53 -40.02 5.02
C GLN A 117 1.87 -39.55 3.72
N MET A 118 1.48 -38.28 3.71
CA MET A 118 0.79 -37.71 2.55
C MET A 118 1.66 -37.67 1.30
N VAL A 119 1.02 -37.68 0.13
CA VAL A 119 1.72 -37.68 -1.14
C VAL A 119 1.44 -36.41 -1.94
N GLY A 120 2.49 -35.77 -2.42
CA GLY A 120 2.37 -34.54 -3.19
C GLY A 120 2.42 -33.31 -2.31
N ARG A 121 2.10 -33.50 -1.04
CA ARG A 121 2.12 -32.42 -0.05
C ARG A 121 2.63 -32.94 1.29
N GLN A 122 3.19 -32.04 2.09
CA GLN A 122 3.77 -32.42 3.38
C GLN A 122 2.69 -32.91 4.35
N GLY A 123 3.09 -33.80 5.27
CA GLY A 123 2.17 -34.34 6.26
C GLY A 123 2.41 -35.81 6.54
N ARG A 124 2.87 -36.10 7.75
CA ARG A 124 3.12 -37.48 8.17
C ARG A 124 2.68 -37.70 9.61
N GLY A 125 2.70 -38.96 10.05
CA GLY A 125 2.37 -39.26 11.42
C GLY A 125 2.22 -40.73 11.73
N THR A 126 1.92 -41.03 13.00
CA THR A 126 1.73 -42.41 13.44
C THR A 126 0.47 -42.53 14.30
N ALA A 127 -0.39 -43.49 13.95
CA ALA A 127 -1.65 -43.66 14.67
C ALA A 127 -1.95 -45.12 14.97
N ASP A 128 -2.73 -45.35 16.03
CA ASP A 128 -3.13 -46.71 16.39
C ASP A 128 -4.24 -47.20 15.48
N LEU A 129 -5.04 -46.28 14.97
CA LEU A 129 -6.06 -46.64 13.98
C LEU A 129 -6.19 -45.59 12.88
N MET A 130 -5.75 -45.95 11.68
CA MET A 130 -5.82 -45.07 10.51
C MET A 130 -6.93 -45.53 9.57
N LYS A 131 -7.95 -44.70 9.39
CA LYS A 131 -9.10 -45.07 8.59
C LYS A 131 -9.45 -44.05 7.51
N GLN A 132 -9.85 -44.55 6.34
CA GLN A 132 -10.39 -43.72 5.28
C GLN A 132 -11.84 -44.14 5.03
N ARG A 133 -12.77 -43.35 5.55
CA ARG A 133 -14.19 -43.65 5.41
C ARG A 133 -14.93 -42.56 4.65
N GLY A 134 -16.17 -42.87 4.26
CA GLY A 134 -16.99 -41.92 3.52
C GLY A 134 -16.49 -41.71 2.11
N GLU A 135 -16.23 -42.81 1.41
CA GLU A 135 -15.72 -42.78 0.04
C GLU A 135 -14.39 -42.04 -0.03
N ASN A 136 -13.48 -42.38 0.88
CA ASN A 136 -12.16 -41.76 0.97
C ASN A 136 -12.21 -40.24 1.09
N ARG A 137 -13.20 -39.74 1.82
CA ARG A 137 -13.33 -38.31 2.07
C ARG A 137 -12.90 -37.99 3.50
N TYR A 138 -13.49 -38.70 4.46
CA TYR A 138 -13.18 -38.49 5.87
C TYR A 138 -12.01 -39.38 6.30
N THR A 139 -10.93 -38.75 6.74
CA THR A 139 -9.77 -39.48 7.22
C THR A 139 -9.74 -39.52 8.75
N ILE A 140 -10.27 -40.61 9.31
CA ILE A 140 -10.37 -40.77 10.76
C ILE A 140 -9.09 -41.33 11.36
N LEU A 141 -8.68 -40.78 12.50
CA LEU A 141 -7.48 -41.24 13.20
C LEU A 141 -7.76 -41.43 14.68
N GLU A 142 -7.75 -42.68 15.13
CA GLU A 142 -7.90 -42.98 16.55
C GLU A 142 -6.53 -43.19 17.18
N ASN A 143 -6.27 -42.43 18.24
CA ASN A 143 -4.96 -42.39 18.90
C ASN A 143 -3.87 -42.01 17.91
N GLY A 144 -3.93 -40.78 17.41
CA GLY A 144 -3.03 -40.35 16.36
C GLY A 144 -2.07 -39.23 16.73
N SER A 145 -0.87 -39.29 16.15
CA SER A 145 0.14 -38.26 16.31
C SER A 145 0.53 -37.72 14.94
N PHE A 146 0.34 -36.41 14.74
CA PHE A 146 0.54 -35.79 13.44
C PHE A 146 1.63 -34.73 13.45
N THR A 147 2.38 -34.65 12.36
CA THR A 147 3.42 -33.63 12.20
C THR A 147 3.68 -33.35 10.72
N SER A 148 4.17 -32.15 10.43
CA SER A 148 4.43 -31.76 9.04
C SER A 148 5.91 -31.88 8.67
N CYS A 149 6.78 -31.27 9.47
CA CYS A 149 8.22 -31.38 9.26
C CYS A 149 8.66 -32.84 9.41
N LEU A 150 9.14 -33.43 8.33
CA LEU A 150 9.35 -34.87 8.29
C LEU A 150 10.66 -35.31 8.99
N PRO A 151 11.84 -34.92 8.45
CA PRO A 151 13.02 -35.53 9.08
C PRO A 151 13.82 -34.55 9.92
N GLY A 152 15.11 -34.83 10.04
CA GLY A 152 16.04 -33.93 10.72
C GLY A 152 15.82 -33.84 12.21
N SER A 153 14.89 -32.99 12.61
CA SER A 153 14.64 -32.72 14.01
C SER A 153 13.15 -32.72 14.35
N ASP A 154 12.77 -33.50 15.35
CA ASP A 154 11.40 -33.51 15.85
C ASP A 154 11.11 -32.18 16.52
N THR A 155 10.74 -31.18 15.72
CA THR A 155 10.61 -29.81 16.20
C THR A 155 9.24 -29.54 16.81
N TRP A 156 8.20 -30.18 16.26
CA TRP A 156 6.84 -30.01 16.78
C TRP A 156 5.93 -31.13 16.31
N SER A 157 4.90 -31.41 17.11
CA SER A 157 3.93 -32.46 16.78
C SER A 157 2.66 -32.30 17.60
N VAL A 158 1.52 -32.64 16.99
CA VAL A 158 0.25 -32.57 17.70
C VAL A 158 -0.34 -33.97 17.89
N VAL A 159 -0.63 -34.32 19.14
CA VAL A 159 -1.19 -35.63 19.44
C VAL A 159 -2.64 -35.52 19.89
N GLY A 160 -3.45 -36.53 19.55
CA GLY A 160 -4.86 -36.52 19.90
C GLY A 160 -5.48 -37.89 19.93
N SER A 161 -6.53 -38.04 20.73
CA SER A 161 -7.22 -39.31 20.85
C SER A 161 -8.14 -39.55 19.65
N GLU A 162 -8.74 -38.48 19.15
CA GLU A 162 -9.65 -38.57 18.02
C GLU A 162 -9.42 -37.41 17.04
N VAL A 163 -8.64 -37.68 15.98
CA VAL A 163 -8.38 -36.66 14.98
C VAL A 163 -9.16 -36.98 13.70
N ILE A 164 -9.67 -35.95 13.03
CA ILE A 164 -10.42 -36.15 11.81
C ILE A 164 -10.00 -35.16 10.72
N HIS A 165 -9.58 -35.70 9.58
CA HIS A 165 -9.18 -34.88 8.44
C HIS A 165 -10.24 -34.93 7.33
N ASP A 166 -11.01 -33.87 7.22
CA ASP A 166 -12.03 -33.77 6.18
C ASP A 166 -11.48 -33.06 4.95
N ARG A 167 -11.70 -33.67 3.78
CA ARG A 167 -11.14 -33.18 2.54
C ARG A 167 -12.04 -32.16 1.83
N GLU A 168 -13.35 -32.43 1.82
CA GLU A 168 -14.29 -31.52 1.17
C GLU A 168 -14.48 -30.24 1.98
N GLU A 169 -14.76 -30.42 3.27
CA GLU A 169 -14.89 -29.28 4.18
C GLU A 169 -13.52 -28.67 4.47
N GLN A 170 -12.47 -29.41 4.11
CA GLN A 170 -11.10 -28.95 4.23
C GLN A 170 -10.74 -28.50 5.65
N VAL A 171 -10.61 -29.46 6.56
CA VAL A 171 -10.37 -29.13 7.97
C VAL A 171 -9.77 -30.29 8.75
N ALA A 172 -8.94 -29.96 9.76
CA ALA A 172 -8.39 -30.96 10.66
C ALA A 172 -8.89 -30.75 12.09
N GLU A 173 -9.95 -31.48 12.45
CA GLU A 173 -10.51 -31.41 13.80
C GLU A 173 -9.76 -32.32 14.76
N ILE A 174 -9.49 -31.83 15.97
CA ILE A 174 -8.77 -32.64 16.95
C ILE A 174 -9.48 -32.66 18.30
N TRP A 175 -9.84 -33.86 18.75
CA TRP A 175 -10.41 -34.04 20.09
C TRP A 175 -9.31 -34.38 21.08
N ASN A 176 -9.41 -33.80 22.28
CA ASN A 176 -8.41 -33.97 23.33
C ASN A 176 -7.01 -33.63 22.83
N ALA A 177 -6.91 -32.49 22.17
CA ALA A 177 -5.67 -32.09 21.50
C ALA A 177 -4.56 -31.74 22.48
N ARG A 178 -3.34 -32.14 22.13
CA ARG A 178 -2.16 -31.76 22.89
C ARG A 178 -1.04 -31.35 21.94
N PHE A 179 -0.60 -30.10 22.07
CA PHE A 179 0.46 -29.56 21.23
C PHE A 179 1.83 -29.74 21.87
N LYS A 180 2.80 -30.17 21.07
CA LYS A 180 4.15 -30.43 21.56
C LYS A 180 5.20 -29.75 20.68
N LEU A 181 6.23 -29.22 21.33
CA LEU A 181 7.36 -28.63 20.60
C LEU A 181 8.51 -29.63 20.51
N GLY A 182 8.16 -30.90 20.32
CA GLY A 182 9.14 -31.97 20.24
C GLY A 182 8.75 -33.13 21.12
N SER A 183 9.18 -33.08 22.38
CA SER A 183 8.82 -34.11 23.35
C SER A 183 8.24 -33.47 24.62
N VAL A 184 8.11 -32.15 24.60
CA VAL A 184 7.59 -31.41 25.74
C VAL A 184 6.27 -30.71 25.41
N PRO A 185 5.17 -31.19 26.01
CA PRO A 185 3.83 -30.63 25.79
C PRO A 185 3.62 -29.32 26.54
N ILE A 186 2.73 -28.48 26.03
CA ILE A 186 2.46 -27.18 26.64
C ILE A 186 0.96 -26.98 26.87
N PHE A 187 0.21 -26.94 25.79
CA PHE A 187 -1.22 -26.64 25.85
C PHE A 187 -2.09 -27.87 25.62
N TYR A 188 -3.15 -27.99 26.41
CA TYR A 188 -4.14 -29.04 26.23
C TYR A 188 -5.53 -28.45 26.05
N SER A 189 -6.31 -29.01 25.13
CA SER A 189 -7.65 -28.52 24.85
C SER A 189 -8.61 -29.66 24.58
N PRO A 190 -9.87 -29.52 25.04
CA PRO A 190 -10.92 -30.50 24.77
C PRO A 190 -11.19 -30.65 23.27
N TYR A 191 -10.98 -29.57 22.52
CA TYR A 191 -11.22 -29.59 21.08
C TYR A 191 -10.46 -28.46 20.38
N LEU A 192 -9.96 -28.75 19.19
CA LEU A 192 -9.23 -27.76 18.39
C LEU A 192 -9.48 -27.93 16.90
N GLN A 193 -9.22 -26.87 16.14
CA GLN A 193 -9.37 -26.89 14.69
C GLN A 193 -8.14 -26.35 13.97
N LEU A 194 -7.57 -27.16 13.09
CA LEU A 194 -6.46 -26.74 12.25
C LEU A 194 -6.87 -26.74 10.78
N PRO A 195 -7.02 -25.54 10.19
CA PRO A 195 -7.49 -25.40 8.82
C PRO A 195 -6.48 -25.86 7.78
N VAL A 196 -6.96 -26.53 6.73
CA VAL A 196 -6.10 -26.95 5.64
C VAL A 196 -6.30 -26.03 4.42
N GLY A 197 -7.49 -25.44 4.34
CA GLY A 197 -7.87 -24.70 3.14
C GLY A 197 -7.45 -23.25 3.10
N ASP A 198 -8.36 -22.39 2.62
CA ASP A 198 -8.07 -20.98 2.47
C ASP A 198 -9.23 -20.13 2.96
N LYS A 199 -10.11 -19.73 2.04
CA LYS A 199 -11.21 -18.82 2.37
C LYS A 199 -12.06 -19.35 3.52
N ARG A 200 -12.73 -18.43 4.23
CA ARG A 200 -13.54 -18.76 5.40
C ARG A 200 -12.72 -19.50 6.45
N ARG A 201 -12.00 -18.74 7.27
CA ARG A 201 -11.09 -19.30 8.26
C ARG A 201 -11.81 -19.85 9.48
N SER A 202 -12.06 -18.97 10.44
CA SER A 202 -12.50 -19.33 11.78
C SER A 202 -11.47 -20.27 12.42
N GLY A 203 -10.22 -20.11 12.01
CA GLY A 203 -9.11 -20.87 12.58
C GLY A 203 -9.03 -20.62 14.06
N PHE A 204 -8.44 -21.56 14.81
CA PHE A 204 -8.54 -21.59 16.27
C PHE A 204 -8.32 -20.21 16.90
N LEU A 205 -7.07 -19.76 17.01
CA LEU A 205 -6.69 -18.41 17.47
C LEU A 205 -5.18 -18.29 17.60
N ILE A 206 -4.58 -17.41 16.80
CA ILE A 206 -3.13 -17.21 16.86
C ILE A 206 -2.79 -15.87 17.51
N PRO A 207 -2.05 -15.91 18.63
CA PRO A 207 -1.68 -14.72 19.41
C PRO A 207 -0.35 -14.09 18.99
N ASN A 208 0.04 -13.04 19.70
CA ASN A 208 1.35 -12.41 19.49
C ASN A 208 1.77 -11.62 20.73
N ALA A 209 3.07 -11.47 20.93
CA ALA A 209 3.59 -10.82 22.12
C ALA A 209 4.44 -9.59 21.79
N LYS A 210 4.40 -8.59 22.68
CA LYS A 210 5.20 -7.39 22.50
C LYS A 210 5.76 -6.90 23.84
N TYR A 211 6.75 -6.01 23.77
CA TYR A 211 7.34 -5.44 24.97
C TYR A 211 7.81 -4.00 24.70
N SER A 212 6.94 -3.04 25.01
CA SER A 212 7.26 -1.64 24.78
C SER A 212 7.63 -0.93 26.08
N THR A 213 8.18 0.27 25.96
CA THR A 213 8.63 1.02 27.12
C THR A 213 7.48 1.76 27.80
N LYS A 214 6.48 2.14 27.02
CA LYS A 214 5.34 2.88 27.55
C LYS A 214 4.25 1.96 28.07
N ASN A 215 4.02 0.83 27.40
CA ASN A 215 2.97 -0.09 27.78
C ASN A 215 3.50 -1.29 28.58
N GLY A 216 4.80 -1.53 28.48
CA GLY A 216 5.41 -2.64 29.20
C GLY A 216 5.19 -3.96 28.48
N VAL A 217 4.69 -4.95 29.22
CA VAL A 217 4.44 -6.27 28.66
C VAL A 217 3.08 -6.32 27.95
N GLU A 218 3.12 -6.48 26.63
CA GLU A 218 1.90 -6.53 25.84
C GLU A 218 1.63 -7.95 25.34
N PHE A 219 0.36 -8.35 25.38
CA PHE A 219 -0.01 -9.70 24.95
C PHE A 219 -1.35 -9.68 24.23
N SER A 220 -1.32 -9.93 22.92
CA SER A 220 -2.55 -9.88 22.12
C SER A 220 -3.03 -11.27 21.72
N LEU A 221 -4.34 -11.49 21.84
CA LEU A 221 -4.94 -12.77 21.45
C LEU A 221 -6.20 -12.53 20.59
N PRO A 222 -5.99 -12.11 19.33
CA PRO A 222 -7.09 -11.64 18.47
C PRO A 222 -8.03 -12.73 17.96
N TYR A 223 -9.32 -12.57 18.26
CA TYR A 223 -10.34 -13.48 17.78
C TYR A 223 -10.72 -13.11 16.35
N TYR A 224 -11.04 -14.12 15.55
CA TYR A 224 -11.44 -13.90 14.16
C TYR A 224 -12.79 -14.54 13.84
N TRP A 225 -13.71 -13.74 13.31
CA TRP A 225 -15.05 -14.22 12.97
C TRP A 225 -15.40 -13.91 11.52
N ASN A 226 -15.48 -14.94 10.69
CA ASN A 226 -15.89 -14.76 9.31
C ASN A 226 -17.39 -14.95 9.15
N ILE A 227 -18.09 -13.89 8.79
CA ILE A 227 -19.54 -13.95 8.64
C ILE A 227 -19.93 -14.50 7.26
N ALA A 228 -19.50 -13.79 6.22
CA ALA A 228 -19.84 -14.16 4.85
C ALA A 228 -18.68 -13.82 3.90
N PRO A 229 -18.56 -14.57 2.80
CA PRO A 229 -17.53 -14.34 1.77
C PRO A 229 -17.58 -12.95 1.14
N ASN A 230 -17.55 -11.91 1.96
CA ASN A 230 -17.48 -10.53 1.51
C ASN A 230 -17.21 -9.58 2.67
N PHE A 231 -17.73 -9.92 3.85
CA PHE A 231 -17.42 -9.14 5.06
C PHE A 231 -17.19 -10.03 6.28
N ASP A 232 -16.33 -9.55 7.18
CA ASP A 232 -15.99 -10.30 8.40
C ASP A 232 -15.51 -9.37 9.51
N ALA A 233 -15.43 -9.90 10.72
CA ALA A 233 -15.00 -9.11 11.87
C ALA A 233 -13.81 -9.75 12.58
N THR A 234 -13.03 -8.93 13.27
CA THR A 234 -11.84 -9.41 13.95
C THR A 234 -11.65 -8.71 15.30
N ILE A 235 -12.10 -9.37 16.36
CA ILE A 235 -11.94 -8.84 17.72
C ILE A 235 -10.48 -9.02 18.13
N THR A 236 -10.02 -8.26 19.12
CA THR A 236 -8.64 -8.37 19.59
C THR A 236 -8.43 -7.90 21.02
N PRO A 237 -8.45 -8.85 21.98
CA PRO A 237 -8.02 -8.54 23.35
C PRO A 237 -6.51 -8.32 23.42
N HIS A 238 -6.13 -7.14 23.90
CA HIS A 238 -4.74 -6.71 23.91
C HIS A 238 -4.33 -6.32 25.33
N TYR A 239 -3.83 -7.29 26.09
CA TYR A 239 -3.45 -7.05 27.48
C TYR A 239 -2.21 -6.17 27.59
N MET A 240 -2.31 -5.14 28.42
CA MET A 240 -1.20 -4.22 28.66
C MET A 240 -0.91 -4.10 30.16
N ASN A 241 0.36 -4.24 30.51
CA ASN A 241 0.79 -4.27 31.90
C ASN A 241 0.84 -2.89 32.56
N LYS A 242 1.65 -2.00 32.01
CA LYS A 242 1.81 -0.65 32.56
C LYS A 242 0.49 0.12 32.51
N ARG A 243 -0.29 -0.13 31.46
CA ARG A 243 -1.62 0.46 31.35
C ARG A 243 -2.56 -0.24 32.34
N GLY A 244 -2.25 -1.51 32.62
CA GLY A 244 -3.03 -2.29 33.55
C GLY A 244 -4.44 -2.57 33.05
N GLY A 245 -4.54 -3.36 31.99
CA GLY A 245 -5.85 -3.72 31.48
C GLY A 245 -5.85 -4.26 30.06
N VAL A 246 -6.98 -4.82 29.66
CA VAL A 246 -7.13 -5.40 28.33
C VAL A 246 -7.81 -4.41 27.36
N MET A 247 -7.14 -4.12 26.26
CA MET A 247 -7.67 -3.20 25.26
C MET A 247 -8.35 -3.98 24.14
N TRP A 248 -9.64 -3.72 23.95
CA TRP A 248 -10.40 -4.44 22.93
C TRP A 248 -10.34 -3.73 21.58
N GLU A 249 -9.89 -4.45 20.55
CA GLU A 249 -9.78 -3.89 19.21
C GLU A 249 -10.74 -4.58 18.25
N ASN A 250 -11.75 -3.85 17.80
CA ASN A 250 -12.79 -4.40 16.94
C ASN A 250 -12.64 -4.04 15.46
N GLU A 251 -12.08 -4.97 14.68
CA GLU A 251 -11.93 -4.78 13.25
C GLU A 251 -13.16 -5.28 12.51
N PHE A 252 -13.44 -4.71 11.34
CA PHE A 252 -14.61 -5.12 10.55
C PHE A 252 -14.45 -4.76 9.08
N ARG A 253 -14.03 -5.73 8.28
CA ARG A 253 -13.89 -5.52 6.84
C ARG A 253 -15.20 -5.82 6.13
N TYR A 254 -15.54 -5.01 5.13
CA TYR A 254 -16.72 -5.28 4.32
C TYR A 254 -16.51 -4.95 2.85
N LEU A 255 -17.30 -5.59 1.99
CA LEU A 255 -17.21 -5.40 0.55
C LEU A 255 -18.59 -5.54 -0.09
N THR A 256 -19.14 -4.43 -0.55
CA THR A 256 -20.45 -4.43 -1.19
C THR A 256 -20.39 -3.79 -2.57
N GLN A 257 -21.53 -3.76 -3.26
CA GLN A 257 -21.60 -3.14 -4.58
C GLN A 257 -21.36 -1.64 -4.47
N LEU A 258 -21.67 -1.09 -3.31
CA LEU A 258 -21.45 0.33 -3.05
C LEU A 258 -19.98 0.61 -2.74
N GLY A 259 -19.18 -0.45 -2.66
CA GLY A 259 -17.75 -0.32 -2.48
C GLY A 259 -17.20 -1.13 -1.32
N SER A 260 -15.89 -1.10 -1.17
CA SER A 260 -15.23 -1.79 -0.06
C SER A 260 -15.01 -0.83 1.11
N GLY A 261 -14.73 -1.38 2.28
CA GLY A 261 -14.48 -0.57 3.44
C GLY A 261 -13.99 -1.31 4.68
N LEU A 262 -13.50 -0.55 5.64
CA LEU A 262 -12.95 -1.10 6.87
C LEU A 262 -13.36 -0.27 8.07
N THR A 263 -13.73 -0.93 9.15
CA THR A 263 -14.16 -0.25 10.37
C THR A 263 -13.43 -0.77 11.60
N GLU A 264 -12.56 0.07 12.16
CA GLU A 264 -11.79 -0.28 13.35
C GLU A 264 -12.34 0.45 14.57
N PHE A 265 -12.32 -0.22 15.72
CA PHE A 265 -12.75 0.40 16.96
C PHE A 265 -11.97 -0.14 18.16
N ASP A 266 -10.93 0.57 18.54
CA ASP A 266 -10.15 0.20 19.72
C ASP A 266 -10.74 0.88 20.96
N TYR A 267 -10.61 0.24 22.11
CA TYR A 267 -11.17 0.78 23.34
C TYR A 267 -10.46 0.24 24.58
N LEU A 268 -10.19 1.14 25.52
CA LEU A 268 -9.59 0.80 26.79
C LEU A 268 -10.37 1.47 27.91
N PRO A 269 -11.00 0.66 28.78
CA PRO A 269 -11.85 1.12 29.88
C PRO A 269 -11.12 1.97 30.91
N SER A 270 -9.99 1.48 31.41
CA SER A 270 -9.24 2.18 32.45
C SER A 270 -7.75 2.21 32.16
N ASP A 271 -7.15 3.39 32.29
CA ASP A 271 -5.72 3.56 32.10
C ASP A 271 -5.11 4.25 33.31
N LYS A 272 -4.15 3.58 33.94
CA LYS A 272 -3.54 4.10 35.16
C LYS A 272 -2.57 5.24 34.88
N VAL A 273 -1.73 5.06 33.86
CA VAL A 273 -0.74 6.07 33.50
C VAL A 273 -1.40 7.38 33.07
N TYR A 274 -2.46 7.26 32.26
CA TYR A 274 -3.19 8.43 31.80
C TYR A 274 -3.96 9.09 32.94
N GLU A 275 -4.32 8.30 33.94
CA GLU A 275 -5.01 8.82 35.12
C GLU A 275 -4.05 9.61 36.00
N ASP A 276 -2.82 9.11 36.13
CA ASP A 276 -1.80 9.79 36.93
C ASP A 276 -1.30 11.06 36.24
N ASP A 277 -1.10 10.98 34.92
CA ASP A 277 -0.65 12.14 34.15
C ASP A 277 -1.76 13.19 34.06
N HIS A 278 -3.00 12.73 33.97
CA HIS A 278 -4.15 13.63 33.90
C HIS A 278 -5.21 13.24 34.92
N SER A 279 -5.11 13.82 36.12
CA SER A 279 -6.05 13.53 37.20
C SER A 279 -7.09 14.63 37.36
N SER A 280 -7.42 15.30 36.26
CA SER A 280 -8.42 16.36 36.28
C SER A 280 -9.83 15.79 36.39
N ASP A 281 -10.00 14.55 35.92
CA ASP A 281 -11.29 13.88 35.98
C ASP A 281 -11.10 12.38 36.23
N SER A 282 -12.15 11.74 36.74
CA SER A 282 -12.10 10.31 37.03
C SER A 282 -12.20 9.50 35.74
N ASN A 283 -12.69 10.13 34.68
CA ASN A 283 -12.82 9.47 33.39
C ASN A 283 -11.45 9.21 32.76
N SER A 284 -11.09 7.92 32.67
CA SER A 284 -9.81 7.53 32.10
C SER A 284 -9.96 6.43 31.05
N ARG A 285 -10.90 6.63 30.12
CA ARG A 285 -11.12 5.68 29.04
C ARG A 285 -10.59 6.23 27.71
N ARG A 286 -9.87 5.39 26.97
CA ARG A 286 -9.21 5.82 25.74
C ARG A 286 -9.59 4.95 24.55
N TRP A 287 -10.16 5.56 23.52
CA TRP A 287 -10.65 4.82 22.37
C TRP A 287 -10.17 5.36 21.03
N LEU A 288 -10.46 4.60 19.97
CA LEU A 288 -10.11 4.98 18.61
C LEU A 288 -11.15 4.45 17.62
N PHE A 289 -11.82 5.37 16.93
CA PHE A 289 -12.79 4.98 15.91
C PHE A 289 -12.27 5.32 14.51
N TYR A 290 -12.10 4.29 13.68
CA TYR A 290 -11.63 4.46 12.32
C TYR A 290 -12.62 3.88 11.32
N TRP A 291 -12.81 4.56 10.20
CA TRP A 291 -13.66 4.06 9.14
C TRP A 291 -13.20 4.54 7.77
N ASN A 292 -12.83 3.59 6.91
CA ASN A 292 -12.43 3.91 5.55
C ASN A 292 -13.40 3.27 4.55
N HIS A 293 -13.59 3.91 3.41
CA HIS A 293 -14.47 3.40 2.38
C HIS A 293 -14.05 3.87 0.99
N SER A 294 -14.11 2.95 0.03
CA SER A 294 -13.80 3.28 -1.36
C SER A 294 -14.77 2.56 -2.28
N GLY A 295 -15.54 3.33 -3.04
CA GLY A 295 -16.54 2.75 -3.91
C GLY A 295 -16.72 3.47 -5.23
N VAL A 296 -16.90 2.71 -6.31
CA VAL A 296 -17.19 3.26 -7.62
C VAL A 296 -18.42 2.57 -8.20
N ILE A 297 -19.57 3.22 -8.11
CA ILE A 297 -20.82 2.65 -8.58
C ILE A 297 -21.12 3.05 -10.02
N ASP A 298 -21.25 2.04 -10.89
CA ASP A 298 -21.56 2.24 -12.30
C ASP A 298 -20.57 3.16 -13.01
N GLN A 299 -19.32 3.15 -12.55
CA GLN A 299 -18.22 3.92 -13.14
C GLN A 299 -18.40 5.44 -13.09
N VAL A 300 -19.61 5.90 -12.77
CA VAL A 300 -19.89 7.33 -12.75
C VAL A 300 -20.01 7.86 -11.32
N TRP A 301 -20.47 7.00 -10.41
CA TRP A 301 -20.61 7.39 -9.00
C TRP A 301 -19.35 7.05 -8.22
N ARG A 302 -18.94 7.97 -7.37
CA ARG A 302 -17.75 7.79 -6.56
C ARG A 302 -18.03 8.11 -5.10
N LEU A 303 -17.96 7.08 -4.25
CA LEU A 303 -18.22 7.22 -2.83
C LEU A 303 -16.99 6.88 -2.01
N ASN A 304 -16.29 7.91 -1.54
CA ASN A 304 -15.09 7.72 -0.73
C ASN A 304 -15.29 8.25 0.68
N ALA A 305 -14.60 7.64 1.64
CA ALA A 305 -14.73 8.05 3.03
C ALA A 305 -13.44 7.79 3.81
N ASP A 306 -12.93 8.84 4.46
CA ASP A 306 -11.75 8.71 5.29
C ASP A 306 -11.99 9.34 6.65
N TYR A 307 -12.57 8.57 7.56
CA TYR A 307 -12.90 9.07 8.89
C TYR A 307 -11.97 8.48 9.95
N THR A 308 -11.35 9.36 10.72
CA THR A 308 -10.46 8.93 11.80
C THR A 308 -10.65 9.83 13.03
N LYS A 309 -11.16 9.26 14.11
CA LYS A 309 -11.39 10.03 15.32
C LYS A 309 -10.84 9.34 16.55
N VAL A 310 -10.16 10.09 17.41
CA VAL A 310 -9.62 9.55 18.65
C VAL A 310 -10.35 10.16 19.85
N SER A 311 -9.98 9.71 21.04
CA SER A 311 -10.55 10.25 22.27
C SER A 311 -9.68 11.37 22.83
N ASP A 312 -8.41 11.05 23.05
CA ASP A 312 -7.46 12.03 23.58
C ASP A 312 -6.35 12.29 22.58
N PRO A 313 -5.83 13.54 22.55
CA PRO A 313 -4.75 13.95 21.65
C PRO A 313 -3.44 13.19 21.85
N ASP A 314 -3.35 12.41 22.92
CA ASP A 314 -2.14 11.65 23.20
C ASP A 314 -2.33 10.16 22.96
N TYR A 315 -3.26 9.82 22.07
CA TYR A 315 -3.57 8.41 21.81
C TYR A 315 -2.49 7.74 20.98
N PHE A 316 -2.28 8.23 19.76
CA PHE A 316 -1.33 7.63 18.83
C PHE A 316 0.10 7.71 19.33
N ASN A 317 0.37 8.67 20.22
CA ASN A 317 1.68 8.80 20.82
C ASN A 317 2.03 7.59 21.68
N ASP A 318 1.04 7.10 22.41
CA ASP A 318 1.22 5.93 23.26
C ASP A 318 0.96 4.65 22.50
N PHE A 319 -0.29 4.45 22.07
CA PHE A 319 -0.68 3.25 21.36
C PHE A 319 -0.29 3.33 19.89
N SER A 320 0.26 2.23 19.36
CA SER A 320 0.63 2.17 17.96
C SER A 320 -0.25 1.18 17.20
N SER A 321 -0.60 1.54 15.97
CA SER A 321 -1.45 0.68 15.15
C SER A 321 -1.20 0.91 13.66
N LYS A 322 -1.98 0.23 12.83
CA LYS A 322 -1.87 0.35 11.38
C LYS A 322 -2.64 1.56 10.87
N TYR A 323 -3.21 2.33 11.80
CA TYR A 323 -4.07 3.45 11.43
C TYR A 323 -3.47 4.78 11.84
N GLY A 324 -2.43 4.73 12.66
CA GLY A 324 -1.78 5.95 13.14
C GLY A 324 -0.46 5.69 13.85
N SER A 325 0.30 6.76 14.05
CA SER A 325 1.59 6.67 14.73
C SER A 325 1.91 7.95 15.47
N SER A 326 3.08 8.00 16.11
CA SER A 326 3.50 9.16 16.88
C SER A 326 3.82 10.35 15.98
N THR A 327 4.03 10.08 14.70
CA THR A 327 4.38 11.12 13.74
C THR A 327 3.17 11.93 13.32
N ASP A 328 1.97 11.38 13.52
CA ASP A 328 0.74 12.06 13.14
C ASP A 328 0.46 13.24 14.05
N GLY A 329 0.16 14.40 13.45
CA GLY A 329 -0.10 15.60 14.21
C GLY A 329 -1.57 15.97 14.29
N TYR A 330 -2.39 15.25 13.53
CA TYR A 330 -3.84 15.48 13.54
C TYR A 330 -4.61 14.30 12.94
N ALA A 331 -5.92 14.28 13.15
CA ALA A 331 -6.78 13.23 12.62
C ALA A 331 -7.65 13.78 11.51
N THR A 332 -7.80 12.98 10.44
CA THR A 332 -8.55 13.40 9.27
C THR A 332 -9.95 12.81 9.23
N GLN A 333 -10.95 13.68 9.07
CA GLN A 333 -12.34 13.26 9.01
C GLN A 333 -13.04 13.81 7.77
N LYS A 334 -12.89 13.13 6.63
CA LYS A 334 -13.46 13.60 5.38
C LYS A 334 -14.47 12.60 4.81
N PHE A 335 -15.59 13.13 4.30
CA PHE A 335 -16.55 12.31 3.57
C PHE A 335 -16.73 12.87 2.17
N SER A 336 -16.66 12.01 1.16
CA SER A 336 -16.71 12.47 -0.22
C SER A 336 -17.68 11.68 -1.09
N ALA A 337 -18.54 12.40 -1.80
CA ALA A 337 -19.48 11.78 -2.73
C ALA A 337 -19.58 12.61 -4.01
N GLY A 338 -19.27 12.00 -5.15
CA GLY A 338 -19.26 12.74 -6.39
C GLY A 338 -19.73 11.99 -7.61
N TYR A 339 -20.27 12.74 -8.57
CA TYR A 339 -20.66 12.17 -9.85
C TYR A 339 -19.67 12.60 -10.93
N VAL A 340 -18.82 11.67 -11.33
CA VAL A 340 -17.82 11.96 -12.36
C VAL A 340 -18.11 11.14 -13.62
N ASN A 341 -18.41 11.86 -14.71
CA ASN A 341 -18.71 11.21 -15.98
C ASN A 341 -17.53 11.26 -16.94
N GLN A 342 -17.43 12.35 -17.69
CA GLN A 342 -16.37 12.49 -18.67
C GLN A 342 -15.97 13.95 -18.83
N ASN A 343 -16.86 14.74 -19.42
CA ASN A 343 -16.61 16.16 -19.62
C ASN A 343 -17.15 16.98 -18.45
N PHE A 344 -17.88 16.31 -17.57
CA PHE A 344 -18.48 16.96 -16.42
C PHE A 344 -18.30 16.11 -15.16
N ASP A 345 -18.15 16.77 -14.01
CA ASP A 345 -17.99 16.06 -12.74
C ASP A 345 -18.29 16.96 -11.55
N ALA A 346 -19.23 16.53 -10.71
CA ALA A 346 -19.62 17.31 -9.54
C ALA A 346 -19.42 16.52 -8.25
N THR A 347 -18.43 16.91 -7.46
CA THR A 347 -18.12 16.19 -6.22
C THR A 347 -18.34 17.08 -4.99
N VAL A 348 -19.21 16.61 -4.09
CA VAL A 348 -19.45 17.32 -2.85
C VAL A 348 -18.85 16.54 -1.68
N SER A 349 -18.24 17.26 -0.74
CA SER A 349 -17.56 16.63 0.37
C SER A 349 -17.57 17.48 1.64
N THR A 350 -17.38 16.82 2.78
CA THR A 350 -17.25 17.52 4.05
C THR A 350 -15.91 17.18 4.70
N LYS A 351 -15.15 18.23 5.01
CA LYS A 351 -13.81 18.08 5.57
C LYS A 351 -13.74 18.60 7.00
N GLN A 352 -13.36 17.72 7.92
CA GLN A 352 -13.17 18.09 9.31
C GLN A 352 -11.85 17.52 9.81
N PHE A 353 -11.28 18.15 10.84
CA PHE A 353 -9.99 17.72 11.35
C PHE A 353 -9.97 17.64 12.87
N GLN A 354 -8.90 17.07 13.41
CA GLN A 354 -8.74 16.95 14.85
C GLN A 354 -7.28 17.08 15.23
N VAL A 355 -6.84 18.32 15.46
CA VAL A 355 -5.45 18.60 15.78
C VAL A 355 -5.02 17.98 17.11
N PHE A 356 -3.93 17.21 17.07
CA PHE A 356 -3.42 16.54 18.27
C PHE A 356 -2.58 17.48 19.12
N ASP A 357 -3.25 18.36 19.85
CA ASP A 357 -2.57 19.29 20.75
C ASP A 357 -3.50 19.71 21.88
N ARG A 358 -2.94 19.87 23.08
CA ARG A 358 -3.74 20.14 24.27
C ARG A 358 -4.48 21.46 24.21
N GLU A 359 -3.85 22.50 23.65
CA GLU A 359 -4.50 23.80 23.55
C GLU A 359 -3.97 24.61 22.37
N SER A 360 -4.33 24.17 21.16
CA SER A 360 -4.01 24.90 19.93
C SER A 360 -4.77 24.30 18.77
N SER A 361 -5.93 23.71 19.06
CA SER A 361 -6.73 23.04 18.05
C SER A 361 -7.79 23.97 17.44
N ASN A 362 -7.33 25.05 16.82
CA ASN A 362 -8.22 25.98 16.14
C ASN A 362 -8.29 25.72 14.65
N SER A 363 -8.54 24.47 14.28
CA SER A 363 -8.60 24.07 12.89
C SER A 363 -10.00 24.26 12.31
N TYR A 364 -10.06 24.70 11.06
CA TYR A 364 -11.33 24.93 10.39
C TYR A 364 -11.92 23.65 9.82
N SER A 365 -13.15 23.75 9.32
CA SER A 365 -13.84 22.61 8.74
C SER A 365 -14.86 23.06 7.71
N ALA A 366 -14.85 22.41 6.55
CA ALA A 366 -15.79 22.70 5.49
C ALA A 366 -17.08 21.93 5.69
N GLU A 367 -18.21 22.61 5.58
CA GLU A 367 -19.50 21.99 5.84
C GLU A 367 -20.64 22.71 5.14
N PRO A 368 -20.96 22.30 3.90
CA PRO A 368 -20.23 21.27 3.17
C PRO A 368 -19.15 21.88 2.27
N GLN A 369 -18.94 21.29 1.10
CA GLN A 369 -17.99 21.81 0.13
C GLN A 369 -18.29 21.23 -1.25
N LEU A 370 -18.83 22.05 -2.14
CA LEU A 370 -19.27 21.59 -3.45
C LEU A 370 -18.34 22.00 -4.57
N ASP A 371 -17.84 21.02 -5.32
CA ASP A 371 -16.98 21.27 -6.48
C ASP A 371 -17.66 20.83 -7.78
N VAL A 372 -17.54 21.65 -8.81
CA VAL A 372 -18.14 21.33 -10.11
C VAL A 372 -17.20 21.69 -11.26
N ASN A 373 -16.95 20.71 -12.12
CA ASN A 373 -16.13 20.92 -13.31
C ASN A 373 -16.89 20.57 -14.59
N TYR A 374 -16.76 21.40 -15.62
CA TYR A 374 -17.41 21.16 -16.89
C TYR A 374 -16.48 21.50 -18.06
N TYR A 375 -16.15 20.50 -18.86
CA TYR A 375 -15.15 20.66 -19.91
C TYR A 375 -15.76 20.73 -21.31
N GLN A 376 -14.99 21.32 -22.24
CA GLN A 376 -15.37 21.38 -23.64
C GLN A 376 -14.10 21.46 -24.49
N ASN A 377 -13.60 20.29 -24.90
CA ASN A 377 -12.28 20.19 -25.50
C ASN A 377 -12.21 20.66 -26.96
N ASP A 378 -13.37 20.98 -27.55
CA ASP A 378 -13.39 21.37 -28.96
C ASP A 378 -14.32 22.53 -29.27
N VAL A 379 -13.79 23.74 -29.22
CA VAL A 379 -14.48 24.93 -29.68
C VAL A 379 -13.67 25.54 -30.83
N GLY A 380 -13.55 24.78 -31.90
CA GLY A 380 -12.67 25.16 -33.00
C GLY A 380 -11.23 24.86 -32.64
N PRO A 381 -10.38 25.89 -32.61
CA PRO A 381 -8.99 25.75 -32.17
C PRO A 381 -8.88 25.85 -30.66
N PHE A 382 -9.97 26.26 -30.01
CA PHE A 382 -9.97 26.48 -28.57
C PHE A 382 -10.55 25.29 -27.80
N ASP A 383 -10.11 25.16 -26.54
CA ASP A 383 -10.73 24.24 -25.62
C ASP A 383 -10.99 24.94 -24.29
N THR A 384 -12.25 24.94 -23.87
CA THR A 384 -12.66 25.69 -22.69
C THR A 384 -12.94 24.78 -21.49
N HIS A 385 -12.81 25.36 -20.30
CA HIS A 385 -13.07 24.67 -19.06
C HIS A 385 -13.85 25.58 -18.12
N LEU A 386 -14.69 24.99 -17.27
CA LEU A 386 -15.47 25.78 -16.33
C LEU A 386 -15.41 25.14 -14.93
N TYR A 387 -14.87 25.90 -13.99
CA TYR A 387 -14.78 25.43 -12.61
C TYR A 387 -15.68 26.27 -11.70
N GLY A 388 -16.29 25.61 -10.72
CA GLY A 388 -17.14 26.29 -9.77
C GLY A 388 -17.03 25.64 -8.41
N GLN A 389 -17.13 26.43 -7.35
CA GLN A 389 -17.02 25.90 -6.00
C GLN A 389 -17.86 26.70 -5.01
N VAL A 390 -18.54 26.00 -4.11
CA VAL A 390 -19.26 26.66 -3.02
C VAL A 390 -18.91 25.99 -1.70
N ALA A 391 -18.21 26.72 -0.84
CA ALA A 391 -17.72 26.12 0.39
C ALA A 391 -18.08 26.97 1.62
N HIS A 392 -18.83 26.36 2.54
CA HIS A 392 -19.18 27.01 3.79
C HIS A 392 -18.22 26.58 4.90
N PHE A 393 -17.34 27.49 5.30
CA PHE A 393 -16.34 27.18 6.32
C PHE A 393 -16.76 27.59 7.71
N VAL A 394 -16.56 26.68 8.66
CA VAL A 394 -16.82 26.98 10.08
C VAL A 394 -15.62 26.56 10.92
N ASN A 395 -15.64 26.89 12.20
CA ASN A 395 -14.54 26.54 13.09
C ASN A 395 -15.03 25.93 14.40
N SER A 396 -14.20 25.06 14.98
CA SER A 396 -14.53 24.42 16.26
C SER A 396 -14.64 25.46 17.38
N ASN A 397 -13.69 26.39 17.40
CA ASN A 397 -13.72 27.51 18.33
C ASN A 397 -14.68 28.58 17.83
N ASN A 398 -15.60 29.01 18.69
CA ASN A 398 -16.60 30.00 18.30
C ASN A 398 -16.05 31.43 18.29
N ASN A 399 -14.78 31.57 18.62
CA ASN A 399 -14.12 32.87 18.54
C ASN A 399 -13.68 33.18 17.12
N MET A 400 -13.21 32.15 16.41
CA MET A 400 -12.82 32.30 15.02
C MET A 400 -14.02 32.60 14.15
N PRO A 401 -13.83 33.41 13.10
CA PRO A 401 -14.91 33.81 12.19
C PRO A 401 -15.36 32.72 11.22
N GLU A 402 -16.63 32.73 10.85
CA GLU A 402 -17.17 31.77 9.88
C GLU A 402 -17.26 32.42 8.50
N ALA A 403 -17.45 31.60 7.47
CA ALA A 403 -17.50 32.13 6.10
C ALA A 403 -18.33 31.30 5.13
N THR A 404 -18.77 31.96 4.06
CA THR A 404 -19.49 31.29 2.97
C THR A 404 -18.92 31.76 1.62
N ARG A 405 -18.13 30.91 0.98
CA ARG A 405 -17.43 31.29 -0.24
C ARG A 405 -18.06 30.73 -1.50
N VAL A 406 -18.28 31.61 -2.48
CA VAL A 406 -18.77 31.21 -3.79
C VAL A 406 -17.76 31.60 -4.87
N HIS A 407 -17.03 30.61 -5.38
CA HIS A 407 -15.99 30.86 -6.37
C HIS A 407 -16.42 30.38 -7.76
N PHE A 408 -16.09 31.19 -8.75
CA PHE A 408 -16.36 30.90 -10.16
C PHE A 408 -15.08 31.13 -10.96
N GLU A 409 -14.69 30.16 -11.77
CA GLU A 409 -13.44 30.24 -12.51
C GLU A 409 -13.50 29.59 -13.89
N PRO A 410 -13.73 30.42 -14.93
CA PRO A 410 -13.67 29.96 -16.32
C PRO A 410 -12.24 30.00 -16.87
N THR A 411 -11.88 28.99 -17.66
CA THR A 411 -10.53 28.88 -18.20
C THR A 411 -10.52 28.58 -19.69
N ILE A 412 -10.19 29.58 -20.50
CA ILE A 412 -10.14 29.41 -21.94
C ILE A 412 -8.71 29.04 -22.37
N ASN A 413 -8.58 27.94 -23.10
CA ASN A 413 -7.26 27.48 -23.53
C ASN A 413 -7.11 27.38 -25.04
N LEU A 414 -5.89 27.59 -25.52
CA LEU A 414 -5.58 27.52 -26.94
C LEU A 414 -4.24 26.81 -27.17
N PRO A 415 -4.30 25.52 -27.54
CA PRO A 415 -3.11 24.71 -27.77
C PRO A 415 -2.61 24.79 -29.21
N LEU A 416 -1.31 24.95 -29.38
CA LEU A 416 -0.69 25.01 -30.70
C LEU A 416 0.52 24.09 -30.77
N SER A 417 0.56 23.24 -31.81
CA SER A 417 1.66 22.31 -31.97
C SER A 417 1.94 22.06 -33.45
N ASN A 418 3.21 21.82 -33.79
CA ASN A 418 3.60 21.59 -35.17
C ASN A 418 4.52 20.39 -35.34
N GLY A 419 5.63 20.38 -34.61
CA GLY A 419 6.58 19.28 -34.68
C GLY A 419 7.77 19.43 -33.75
N TRP A 420 8.56 20.49 -33.96
CA TRP A 420 9.76 20.71 -33.17
C TRP A 420 9.44 21.20 -31.76
N GLY A 421 8.23 21.71 -31.58
CA GLY A 421 7.81 22.21 -30.28
C GLY A 421 6.33 22.53 -30.21
N SER A 422 5.95 23.31 -29.20
CA SER A 422 4.55 23.66 -28.99
C SER A 422 4.39 24.89 -28.11
N LEU A 423 3.31 25.63 -28.34
CA LEU A 423 2.99 26.81 -27.55
C LEU A 423 1.50 26.82 -27.18
N ASN A 424 1.21 27.04 -25.91
CA ASN A 424 -0.16 27.03 -25.43
C ASN A 424 -0.52 28.33 -24.71
N THR A 425 -1.53 29.02 -25.23
CA THR A 425 -1.97 30.28 -24.62
C THR A 425 -3.22 30.05 -23.78
N GLU A 426 -3.11 30.35 -22.48
CA GLU A 426 -4.22 30.13 -21.55
C GLU A 426 -4.66 31.42 -20.87
N ALA A 427 -5.92 31.78 -21.09
CA ALA A 427 -6.51 32.95 -20.44
C ALA A 427 -7.58 32.51 -19.45
N LYS A 428 -7.37 32.85 -18.18
CA LYS A 428 -8.26 32.39 -17.11
C LYS A 428 -8.89 33.56 -16.38
N LEU A 429 -10.07 33.33 -15.79
CA LEU A 429 -10.71 34.34 -14.94
C LEU A 429 -11.00 33.78 -13.56
N LEU A 430 -10.71 34.56 -12.52
CA LEU A 430 -10.92 34.11 -11.15
C LEU A 430 -11.84 35.05 -10.37
N ALA A 431 -13.14 34.75 -10.39
CA ALA A 431 -14.12 35.51 -9.64
C ALA A 431 -14.43 34.79 -8.33
N THR A 432 -14.61 35.56 -7.26
CA THR A 432 -14.83 35.01 -5.93
C THR A 432 -15.69 35.93 -5.06
N HIS A 433 -16.60 35.34 -4.30
CA HIS A 433 -17.43 36.10 -3.38
C HIS A 433 -17.39 35.51 -1.97
N TYR A 434 -17.33 36.39 -0.97
CA TYR A 434 -17.23 35.97 0.42
C TYR A 434 -18.34 36.57 1.28
N GLN A 435 -19.07 35.70 1.97
CA GLN A 435 -20.04 36.11 2.98
C GLN A 435 -19.58 35.64 4.35
N GLN A 436 -18.83 36.49 5.04
CA GLN A 436 -18.24 36.12 6.33
C GLN A 436 -19.08 36.61 7.51
N SER A 437 -18.95 35.92 8.64
CA SER A 437 -19.71 36.27 9.85
C SER A 437 -18.88 36.01 11.11
N ASN A 438 -19.39 36.51 12.24
CA ASN A 438 -18.71 36.41 13.53
C ASN A 438 -17.31 37.03 13.47
N LEU A 439 -17.26 38.27 12.99
CA LEU A 439 -16.00 38.95 12.74
C LEU A 439 -15.60 39.88 13.89
N ASP A 440 -16.60 40.42 14.57
CA ASP A 440 -16.37 41.40 15.62
C ASP A 440 -15.46 40.87 16.73
N LYS A 441 -15.59 39.59 17.02
CA LYS A 441 -14.79 38.97 18.08
C LYS A 441 -13.33 38.81 17.68
N TYR A 442 -13.09 38.53 16.40
CA TYR A 442 -11.71 38.37 15.94
C TYR A 442 -11.16 39.67 15.36
N ASN A 443 -12.02 40.66 15.20
CA ASN A 443 -11.57 41.98 14.76
C ASN A 443 -10.61 42.60 15.76
N ALA A 444 -10.73 42.17 17.02
CA ALA A 444 -9.77 42.53 18.05
C ALA A 444 -8.53 41.63 17.94
N ALA A 445 -7.95 41.30 19.09
CA ALA A 445 -6.75 40.44 19.15
C ALA A 445 -5.61 40.99 18.29
N ASN A 446 -5.71 40.80 16.98
CA ASN A 446 -4.68 41.28 16.06
C ASN A 446 -5.22 42.27 15.03
N GLY A 447 -4.33 42.83 14.22
CA GLY A 447 -4.71 43.81 13.23
C GLY A 447 -5.47 43.19 12.07
N THR A 448 -6.80 43.17 12.19
CA THR A 448 -7.66 42.61 11.15
C THR A 448 -8.79 43.56 10.76
N ASP A 449 -9.18 43.54 9.50
CA ASP A 449 -10.27 44.36 9.00
C ASP A 449 -11.15 43.58 8.05
N TYR A 450 -11.76 42.51 8.56
CA TYR A 450 -12.61 41.64 7.74
C TYR A 450 -14.04 42.14 7.72
N LYS A 451 -14.62 42.24 6.52
CA LYS A 451 -15.99 42.70 6.36
C LYS A 451 -16.92 41.56 5.98
N GLU A 452 -18.21 41.78 6.14
CA GLU A 452 -19.21 40.73 5.92
C GLU A 452 -19.36 40.37 4.45
N SER A 453 -19.57 41.38 3.61
CA SER A 453 -19.71 41.17 2.17
C SER A 453 -18.46 41.57 1.42
N VAL A 454 -17.68 40.58 1.00
CA VAL A 454 -16.43 40.83 0.28
C VAL A 454 -16.50 40.23 -1.12
N SER A 455 -15.80 40.85 -2.08
CA SER A 455 -15.73 40.32 -3.43
C SER A 455 -14.31 40.44 -3.97
N ARG A 456 -14.01 39.66 -5.00
CA ARG A 456 -12.68 39.67 -5.60
C ARG A 456 -12.69 39.14 -7.02
N VAL A 457 -12.22 39.96 -7.96
CA VAL A 457 -12.16 39.54 -9.36
C VAL A 457 -10.75 39.73 -9.91
N MET A 458 -10.12 38.61 -10.26
CA MET A 458 -8.74 38.62 -10.75
C MET A 458 -8.60 37.86 -12.07
N PRO A 459 -8.32 38.59 -13.16
CA PRO A 459 -8.02 37.92 -14.44
C PRO A 459 -6.60 37.36 -14.47
N GLN A 460 -6.32 36.49 -15.42
CA GLN A 460 -5.03 35.80 -15.50
C GLN A 460 -4.62 35.50 -16.93
N PHE A 461 -3.39 35.87 -17.28
CA PHE A 461 -2.88 35.61 -18.61
C PHE A 461 -1.60 34.77 -18.56
N LYS A 462 -1.62 33.63 -19.25
CA LYS A 462 -0.48 32.71 -19.23
C LYS A 462 -0.09 32.26 -20.63
N VAL A 463 1.22 32.20 -20.89
CA VAL A 463 1.73 31.73 -22.17
C VAL A 463 2.82 30.69 -21.98
N ASP A 464 2.51 29.44 -22.30
CA ASP A 464 3.45 28.34 -22.16
C ASP A 464 4.06 27.97 -23.51
N GLY A 465 5.25 27.37 -23.49
CA GLY A 465 5.90 26.94 -24.71
C GLY A 465 7.13 26.11 -24.46
N LYS A 466 7.30 25.02 -25.20
CA LYS A 466 8.45 24.16 -25.02
C LYS A 466 8.89 23.51 -26.34
N MET A 467 10.20 23.26 -26.46
CA MET A 467 10.74 22.71 -27.70
C MET A 467 11.44 21.36 -27.46
N VAL A 468 11.79 20.68 -28.54
CA VAL A 468 12.44 19.37 -28.46
C VAL A 468 13.60 19.25 -29.45
N PHE A 469 14.79 18.96 -28.93
CA PHE A 469 15.99 18.81 -29.76
C PHE A 469 16.64 17.44 -29.54
N GLU A 470 17.38 16.97 -30.54
CA GLU A 470 18.03 15.66 -30.46
C GLU A 470 19.52 15.71 -30.77
N ARG A 471 20.30 15.00 -29.96
CA ARG A 471 21.74 14.82 -30.20
C ARG A 471 22.10 13.34 -30.04
N ASP A 472 22.67 12.76 -31.09
CA ASP A 472 23.02 11.34 -31.08
C ASP A 472 24.32 11.12 -30.31
N LEU A 473 24.41 9.98 -29.62
CA LEU A 473 25.58 9.66 -28.81
C LEU A 473 26.28 8.39 -29.27
N GLN A 474 26.95 7.71 -28.35
CA GLN A 474 27.74 6.53 -28.66
C GLN A 474 26.94 5.24 -28.45
N GLU A 475 27.34 4.19 -29.16
CA GLU A 475 26.76 2.84 -29.08
C GLU A 475 25.24 2.78 -28.90
N GLY A 476 24.53 3.59 -29.66
CA GLY A 476 23.08 3.52 -29.70
C GLY A 476 22.34 4.48 -28.78
N PHE A 477 23.06 5.05 -27.82
CA PHE A 477 22.45 5.98 -26.87
C PHE A 477 21.99 7.25 -27.57
N THR A 478 20.87 7.80 -27.12
CA THR A 478 20.29 8.99 -27.73
C THR A 478 19.94 10.06 -26.71
N GLN A 479 20.51 11.25 -26.88
CA GLN A 479 20.26 12.36 -25.95
C GLN A 479 19.23 13.33 -26.52
N THR A 480 18.42 13.92 -25.65
CA THR A 480 17.45 14.91 -26.07
C THR A 480 17.44 16.12 -25.14
N LEU A 481 17.10 17.28 -25.69
CA LEU A 481 17.08 18.52 -24.92
C LEU A 481 15.70 19.19 -25.01
N GLU A 482 15.12 19.49 -23.85
CA GLU A 482 13.79 20.07 -23.80
C GLU A 482 13.78 21.41 -23.07
N PRO A 483 13.90 22.51 -23.83
CA PRO A 483 13.80 23.86 -23.28
C PRO A 483 12.34 24.29 -23.11
N ARG A 484 12.02 24.88 -21.96
CA ARG A 484 10.64 25.28 -21.67
C ARG A 484 10.57 26.66 -21.03
N VAL A 485 9.59 27.45 -21.45
CA VAL A 485 9.38 28.79 -20.92
C VAL A 485 7.88 29.08 -20.78
N GLN A 486 7.50 29.76 -19.70
CA GLN A 486 6.10 30.08 -19.44
C GLN A 486 5.95 31.41 -18.71
N TYR A 487 5.26 32.35 -19.33
CA TYR A 487 5.00 33.65 -18.73
C TYR A 487 3.64 33.67 -18.05
N LEU A 488 3.57 34.39 -16.93
CA LEU A 488 2.33 34.48 -16.16
C LEU A 488 2.10 35.88 -15.62
N TYR A 489 0.87 36.37 -15.75
CA TYR A 489 0.51 37.69 -15.25
C TYR A 489 -0.88 37.71 -14.62
N VAL A 490 -0.94 38.19 -13.38
CA VAL A 490 -2.20 38.41 -12.67
C VAL A 490 -2.13 39.74 -11.92
N PRO A 491 -3.09 40.64 -12.18
CA PRO A 491 -3.09 41.96 -11.52
C PRO A 491 -3.27 41.86 -10.01
N TYR A 492 -2.81 42.88 -9.29
CA TYR A 492 -2.86 42.90 -7.84
C TYR A 492 -4.23 43.28 -7.30
N ARG A 493 -4.65 42.58 -6.25
CA ARG A 493 -5.89 42.89 -5.57
C ARG A 493 -5.69 42.86 -4.06
N ASP A 494 -6.13 43.91 -3.37
CA ASP A 494 -5.97 44.00 -1.92
C ASP A 494 -6.90 43.02 -1.21
N GLN A 495 -6.30 42.02 -0.57
CA GLN A 495 -7.07 40.96 0.08
C GLN A 495 -6.85 40.96 1.60
N SER A 496 -6.94 42.13 2.21
CA SER A 496 -6.77 42.26 3.65
C SER A 496 -8.09 42.04 4.38
N GLU A 497 -9.19 42.08 3.64
CA GLU A 497 -10.52 41.90 4.21
C GLU A 497 -11.00 40.45 4.07
N ILE A 498 -10.12 39.59 3.57
CA ILE A 498 -10.44 38.19 3.35
C ILE A 498 -9.64 37.28 4.30
N GLY A 499 -10.34 36.44 5.04
CA GLY A 499 -9.71 35.55 5.99
C GLY A 499 -9.02 34.36 5.33
N ASN A 500 -8.16 33.68 6.09
CA ASN A 500 -7.46 32.51 5.59
C ASN A 500 -8.12 31.22 6.06
N TYR A 501 -8.54 30.38 5.12
CA TYR A 501 -9.25 29.15 5.44
C TYR A 501 -8.58 27.92 4.83
N ASP A 502 -8.15 28.05 3.58
CA ASP A 502 -7.48 26.94 2.90
C ASP A 502 -6.28 27.41 2.08
N SER A 503 -5.47 28.29 2.66
CA SER A 503 -4.31 28.83 1.96
C SER A 503 -3.02 28.73 2.76
N THR A 504 -2.02 28.11 2.15
CA THR A 504 -0.69 28.01 2.75
C THR A 504 0.36 27.96 1.64
N LEU A 505 1.61 28.21 2.01
CA LEU A 505 2.72 28.18 1.06
C LEU A 505 2.97 26.76 0.56
N LEU A 506 3.50 26.65 -0.65
CA LEU A 506 3.77 25.34 -1.25
C LEU A 506 5.26 25.07 -1.39
N GLN A 507 5.59 23.95 -2.02
CA GLN A 507 6.97 23.63 -2.33
C GLN A 507 7.21 23.72 -3.83
N SER A 508 8.37 24.27 -4.20
CA SER A 508 8.67 24.53 -5.60
C SER A 508 9.49 23.41 -6.24
N ASP A 509 8.79 22.41 -6.76
CA ASP A 509 9.43 21.36 -7.56
C ASP A 509 9.73 21.94 -8.94
N TYR A 510 10.51 21.22 -9.74
CA TYR A 510 10.81 21.68 -11.09
C TYR A 510 9.54 21.88 -11.91
N THR A 511 8.60 20.94 -11.76
CA THR A 511 7.30 21.05 -12.43
C THR A 511 6.43 22.11 -11.73
N GLY A 512 6.64 22.24 -10.42
CA GLY A 512 5.90 23.20 -9.62
C GLY A 512 6.22 24.64 -9.96
N LEU A 513 7.33 24.85 -10.65
CA LEU A 513 7.72 26.20 -11.09
C LEU A 513 6.76 26.72 -12.14
N PHE A 514 6.17 25.79 -12.90
CA PHE A 514 5.24 26.14 -13.95
C PHE A 514 3.80 26.12 -13.45
N ARG A 515 3.64 26.28 -12.14
CA ARG A 515 2.32 26.33 -11.53
C ARG A 515 1.85 27.77 -11.38
N ASP A 516 0.59 28.02 -11.75
CA ASP A 516 0.03 29.37 -11.71
C ASP A 516 -0.59 29.70 -10.36
N ARG A 517 -0.13 29.02 -9.31
CA ARG A 517 -0.62 29.26 -7.96
C ARG A 517 0.53 29.44 -6.98
N THR A 518 0.39 30.40 -6.07
CA THR A 518 1.40 30.66 -5.05
C THR A 518 0.99 30.01 -3.73
N TYR A 519 -0.29 30.15 -3.39
CA TYR A 519 -0.85 29.52 -2.20
C TYR A 519 -1.77 28.37 -2.60
N SER A 520 -2.26 27.63 -1.60
CA SER A 520 -3.25 26.60 -1.85
C SER A 520 -4.65 27.18 -1.73
N GLY A 521 -5.64 26.42 -2.19
CA GLY A 521 -7.02 26.86 -2.12
C GLY A 521 -7.30 28.10 -2.94
N LEU A 522 -8.31 28.86 -2.54
CA LEU A 522 -8.72 30.05 -3.29
C LEU A 522 -8.96 31.24 -2.36
N ASP A 523 -8.10 31.42 -1.36
CA ASP A 523 -8.22 32.57 -0.47
C ASP A 523 -7.18 33.63 -0.78
N ARG A 524 -5.92 33.21 -0.87
CA ARG A 524 -4.83 34.15 -1.13
C ARG A 524 -4.15 33.89 -2.47
N ILE A 525 -4.40 34.79 -3.42
CA ILE A 525 -3.81 34.69 -4.75
C ILE A 525 -2.82 35.82 -5.02
N ALA A 526 -1.59 35.46 -5.33
CA ALA A 526 -0.52 36.44 -5.50
C ALA A 526 -0.61 37.19 -6.83
N SER A 527 -0.12 38.42 -6.85
CA SER A 527 -0.10 39.23 -8.06
C SER A 527 1.01 38.76 -8.99
N ALA A 528 0.65 37.88 -9.93
CA ALA A 528 1.62 37.28 -10.82
C ALA A 528 2.13 38.27 -11.86
N ASN A 529 3.45 38.24 -12.07
CA ASN A 529 4.09 39.03 -13.10
C ASN A 529 5.49 38.46 -13.33
N GLN A 530 5.53 37.21 -13.78
CA GLN A 530 6.78 36.46 -13.81
C GLN A 530 6.99 35.69 -15.10
N VAL A 531 8.24 35.27 -15.33
CA VAL A 531 8.56 34.39 -16.45
C VAL A 531 9.42 33.23 -15.96
N THR A 532 8.95 32.02 -16.23
CA THR A 532 9.64 30.82 -15.77
C THR A 532 10.39 30.15 -16.92
N THR A 533 11.69 29.96 -16.73
CA THR A 533 12.52 29.31 -17.73
C THR A 533 13.23 28.08 -17.15
N GLY A 534 13.07 26.94 -17.82
CA GLY A 534 13.67 25.71 -17.34
C GLY A 534 14.19 24.83 -18.47
N LEU A 535 15.19 24.02 -18.16
CA LEU A 535 15.77 23.11 -19.14
C LEU A 535 15.70 21.65 -18.66
N THR A 536 15.34 20.76 -19.57
CA THR A 536 15.21 19.34 -19.23
C THR A 536 15.95 18.45 -20.22
N SER A 537 17.16 18.03 -19.84
CA SER A 537 17.96 17.16 -20.70
C SER A 537 17.78 15.70 -20.30
N ARG A 538 17.46 14.85 -21.28
CA ARG A 538 17.21 13.44 -20.99
C ARG A 538 18.13 12.53 -21.81
N VAL A 539 18.48 11.38 -21.23
CA VAL A 539 19.38 10.43 -21.87
C VAL A 539 18.76 9.04 -21.97
N TYR A 540 18.54 8.61 -23.22
CA TYR A 540 17.99 7.28 -23.52
C TYR A 540 19.06 6.35 -24.07
N ASP A 541 18.76 5.06 -24.09
CA ASP A 541 19.67 4.06 -24.65
C ASP A 541 19.20 3.58 -26.02
N ALA A 542 19.72 2.43 -26.44
CA ALA A 542 19.38 1.86 -27.75
C ALA A 542 18.03 1.18 -27.74
N ALA A 543 17.55 0.82 -26.56
CA ALA A 543 16.28 0.11 -26.42
C ALA A 543 15.13 1.08 -26.17
N ALA A 544 15.37 2.36 -26.46
CA ALA A 544 14.39 3.43 -26.27
C ALA A 544 13.88 3.47 -24.82
N VAL A 545 14.79 3.26 -23.88
CA VAL A 545 14.45 3.28 -22.45
C VAL A 545 15.17 4.42 -21.75
N GLU A 546 14.39 5.27 -21.07
CA GLU A 546 14.97 6.40 -20.35
C GLU A 546 15.84 5.95 -19.19
N ARG A 547 17.15 6.11 -19.34
CA ARG A 547 18.09 5.69 -18.31
C ARG A 547 18.51 6.86 -17.42
N PHE A 548 18.65 8.04 -18.02
CA PHE A 548 19.06 9.21 -17.24
C PHE A 548 18.19 10.43 -17.55
N ASN A 549 18.08 11.34 -16.59
CA ASN A 549 17.42 12.61 -16.84
C ASN A 549 17.80 13.68 -15.82
N ILE A 550 17.83 14.93 -16.26
CA ILE A 550 18.17 16.05 -15.38
C ILE A 550 17.42 17.32 -15.77
N SER A 551 16.93 18.06 -14.78
CA SER A 551 16.17 19.27 -15.02
C SER A 551 16.64 20.41 -14.12
N VAL A 552 16.64 21.62 -14.66
CA VAL A 552 17.03 22.79 -13.89
C VAL A 552 16.15 23.99 -14.24
N GLY A 553 15.56 24.60 -13.22
CA GLY A 553 14.60 25.66 -13.43
C GLY A 553 14.90 26.97 -12.72
N GLN A 554 14.38 28.05 -13.27
CA GLN A 554 14.62 29.40 -12.77
C GLN A 554 13.41 30.30 -13.02
N ILE A 555 12.91 30.94 -11.96
CA ILE A 555 11.78 31.85 -12.09
C ILE A 555 12.22 33.30 -11.94
N TYR A 556 11.93 34.10 -12.96
CA TYR A 556 12.27 35.52 -12.93
C TYR A 556 11.05 36.38 -12.61
N TYR A 557 11.21 37.33 -11.70
CA TYR A 557 10.11 38.20 -11.29
C TYR A 557 10.31 39.63 -11.77
N PHE A 558 9.30 40.17 -12.44
CA PHE A 558 9.31 41.57 -12.84
C PHE A 558 8.92 42.45 -11.65
N THR A 559 7.84 42.06 -10.97
CA THR A 559 7.43 42.72 -9.73
C THR A 559 7.18 41.67 -8.65
N GLU A 560 7.25 42.09 -7.39
CA GLU A 560 7.04 41.17 -6.28
C GLU A 560 5.59 40.68 -6.23
N SER A 561 5.41 39.43 -5.82
CA SER A 561 4.08 38.84 -5.73
C SER A 561 3.38 39.28 -4.46
N ARG A 562 2.43 40.21 -4.60
CA ARG A 562 1.72 40.76 -3.46
C ARG A 562 0.28 40.26 -3.39
N THR A 563 -0.22 40.07 -2.18
CA THR A 563 -1.58 39.61 -1.97
C THR A 563 -2.39 40.66 -1.22
N GLY A 564 -1.71 41.48 -0.45
CA GLY A 564 -2.36 42.50 0.37
C GLY A 564 -2.23 42.18 1.84
N ASP A 565 -1.59 41.06 2.13
CA ASP A 565 -1.38 40.63 3.51
C ASP A 565 -0.18 39.71 3.61
N ASP A 566 0.90 40.07 2.92
CA ASP A 566 2.11 39.25 2.90
C ASP A 566 2.93 39.44 4.18
N ASN A 567 2.58 38.69 5.21
CA ASN A 567 3.31 38.73 6.47
C ASN A 567 4.33 37.60 6.55
N ILE A 568 5.15 37.48 5.51
CA ILE A 568 6.15 36.43 5.45
C ILE A 568 7.49 36.92 5.98
N ASN A 569 8.04 36.20 6.95
CA ASN A 569 9.31 36.59 7.57
C ASN A 569 10.50 36.18 6.72
N TRP A 570 10.87 37.02 5.77
CA TRP A 570 12.05 36.78 4.94
C TRP A 570 13.32 37.25 5.64
N GLU A 571 14.45 36.68 5.24
CA GLU A 571 15.74 37.09 5.79
C GLU A 571 16.13 38.47 5.27
N ASN A 572 16.18 38.60 3.95
CA ASN A 572 16.45 39.89 3.32
C ASN A 572 15.17 40.49 2.74
N ASN A 573 15.32 41.56 1.97
CA ASN A 573 14.17 42.22 1.37
C ASN A 573 14.28 42.33 -0.14
N ASP A 574 14.63 41.21 -0.79
CA ASP A 574 14.71 41.15 -2.25
C ASP A 574 13.31 40.98 -2.84
N THR A 575 12.94 41.89 -3.73
CA THR A 575 11.59 41.88 -4.30
C THR A 575 11.58 41.38 -5.74
N THR A 576 12.54 41.82 -6.53
CA THR A 576 12.59 41.46 -7.95
C THR A 576 13.83 40.64 -8.30
N GLY A 577 13.85 40.10 -9.50
CA GLY A 577 14.97 39.30 -9.97
C GLY A 577 14.69 37.81 -9.94
N SER A 578 15.68 37.01 -10.32
CA SER A 578 15.55 35.56 -10.27
C SER A 578 15.68 35.06 -8.83
N LEU A 579 14.54 34.93 -8.15
CA LEU A 579 14.54 34.55 -6.74
C LEU A 579 14.46 33.03 -6.55
N VAL A 580 13.66 32.38 -7.38
CA VAL A 580 13.38 30.95 -7.20
C VAL A 580 14.17 30.07 -8.17
N TRP A 581 14.89 29.11 -7.62
CA TRP A 581 15.67 28.16 -8.42
C TRP A 581 15.37 26.71 -8.01
N ALA A 582 15.38 25.81 -8.99
CA ALA A 582 15.13 24.40 -8.72
C ALA A 582 16.00 23.49 -9.58
N GLY A 583 16.10 22.23 -9.21
CA GLY A 583 16.88 21.28 -9.97
C GLY A 583 16.69 19.83 -9.55
N ASP A 584 16.12 19.03 -10.44
CA ASP A 584 15.89 17.61 -10.17
C ASP A 584 16.78 16.73 -11.04
N THR A 585 16.94 15.47 -10.65
CA THR A 585 17.76 14.53 -11.41
C THR A 585 17.41 13.08 -11.08
N TYR A 586 17.64 12.20 -12.05
CA TYR A 586 17.38 10.78 -11.89
C TYR A 586 18.33 9.92 -12.72
N TRP A 587 18.92 8.93 -12.07
CA TRP A 587 19.88 8.02 -12.68
C TRP A 587 19.43 6.57 -12.48
N ARG A 588 19.73 5.72 -13.46
CA ARG A 588 19.33 4.31 -13.38
C ARG A 588 20.52 3.38 -13.54
N ILE A 589 21.56 3.87 -14.21
CA ILE A 589 22.81 3.13 -14.41
C ILE A 589 22.60 1.78 -15.10
N ALA A 590 22.21 0.77 -14.33
CA ALA A 590 22.01 -0.58 -14.86
C ALA A 590 20.68 -1.16 -14.43
N ASP A 591 20.57 -2.50 -14.51
CA ASP A 591 19.36 -3.19 -14.08
C ASP A 591 19.14 -2.98 -12.58
N GLU A 592 20.24 -2.92 -11.84
CA GLU A 592 20.19 -2.60 -10.42
C GLU A 592 20.78 -1.21 -10.18
N TRP A 593 20.91 -0.84 -8.90
CA TRP A 593 21.39 0.49 -8.50
C TRP A 593 20.49 1.61 -9.03
N GLY A 594 20.87 2.85 -8.73
CA GLY A 594 20.10 4.00 -9.16
C GLY A 594 20.37 5.24 -8.32
N LEU A 595 19.81 6.36 -8.72
CA LEU A 595 20.02 7.63 -8.01
C LEU A 595 18.86 8.59 -8.23
N ARG A 596 18.59 9.44 -7.24
CA ARG A 596 17.53 10.43 -7.33
C ARG A 596 17.90 11.69 -6.56
N GLY A 597 17.55 12.84 -7.12
CA GLY A 597 17.88 14.11 -6.49
C GLY A 597 16.88 15.22 -6.76
N GLY A 598 16.73 16.11 -5.79
CA GLY A 598 15.82 17.23 -5.92
C GLY A 598 16.23 18.38 -5.01
N ILE A 599 16.52 19.53 -5.61
CA ILE A 599 17.01 20.68 -4.85
C ILE A 599 16.20 21.93 -5.15
N GLN A 600 15.75 22.59 -4.08
CA GLN A 600 15.03 23.86 -4.19
C GLN A 600 15.75 24.96 -3.42
N TYR A 601 16.10 26.03 -4.13
CA TYR A 601 16.85 27.14 -3.56
C TYR A 601 16.15 28.48 -3.74
N ASP A 602 16.21 29.32 -2.71
CA ASP A 602 15.61 30.65 -2.76
C ASP A 602 16.61 31.71 -2.30
N THR A 603 16.66 32.84 -3.00
CA THR A 603 17.62 33.89 -2.71
C THR A 603 17.17 34.75 -1.52
N ARG A 604 15.87 34.82 -1.30
CA ARG A 604 15.31 35.61 -0.21
C ARG A 604 15.63 34.99 1.15
N LEU A 605 15.94 33.69 1.15
CA LEU A 605 16.31 32.99 2.37
C LEU A 605 17.83 32.93 2.52
N ASP A 606 18.53 33.28 1.44
CA ASP A 606 20.00 33.26 1.39
C ASP A 606 20.54 31.85 1.69
N ASN A 607 19.72 30.85 1.40
CA ASN A 607 20.09 29.45 1.64
C ASN A 607 19.12 28.52 0.92
N VAL A 608 19.56 27.29 0.66
CA VAL A 608 18.72 26.30 -0.02
C VAL A 608 17.48 25.97 0.80
N ALA A 609 16.32 26.05 0.15
CA ALA A 609 15.05 25.75 0.80
C ALA A 609 14.97 24.28 1.17
N THR A 610 14.96 23.42 0.16
CA THR A 610 14.92 21.98 0.40
C THR A 610 16.00 21.25 -0.40
N GLY A 611 16.38 20.07 0.08
CA GLY A 611 17.40 19.27 -0.60
C GLY A 611 17.28 17.80 -0.26
N ASN A 612 16.77 17.02 -1.20
CA ASN A 612 16.61 15.58 -0.98
C ASN A 612 17.40 14.76 -2.00
N GLY A 613 18.02 13.69 -1.53
CA GLY A 613 18.79 12.81 -2.39
C GLY A 613 18.70 11.37 -1.93
N THR A 614 18.27 10.48 -2.83
CA THR A 614 18.06 9.09 -2.48
C THR A 614 18.71 8.13 -3.47
N ILE A 615 19.63 7.32 -2.98
CA ILE A 615 20.24 6.27 -3.79
C ILE A 615 19.81 4.91 -3.26
N GLU A 616 19.69 3.93 -4.16
CA GLU A 616 19.17 2.63 -3.77
C GLU A 616 19.68 1.48 -4.63
N TYR A 617 20.21 0.46 -3.98
CA TYR A 617 20.56 -0.80 -4.63
C TYR A 617 19.42 -1.81 -4.46
N ARG A 618 18.61 -1.94 -5.51
CA ARG A 618 17.49 -2.88 -5.50
C ARG A 618 17.70 -3.99 -6.53
N ARG A 619 17.53 -5.23 -6.10
CA ARG A 619 17.71 -6.36 -6.99
C ARG A 619 16.57 -6.45 -7.99
N ASP A 620 15.44 -7.00 -7.56
CA ASP A 620 14.26 -7.11 -8.42
C ASP A 620 12.99 -7.36 -7.61
N GLU A 621 13.10 -8.21 -6.59
CA GLU A 621 11.96 -8.59 -5.77
C GLU A 621 12.22 -8.27 -4.30
N ASN A 622 13.28 -8.87 -3.75
CA ASN A 622 13.64 -8.65 -2.36
C ASN A 622 15.12 -8.32 -2.20
N ARG A 623 15.65 -8.61 -1.01
CA ARG A 623 17.05 -8.36 -0.62
C ARG A 623 17.67 -7.11 -1.25
N LEU A 624 17.48 -5.96 -0.60
CA LEU A 624 17.91 -4.69 -1.16
C LEU A 624 18.40 -3.72 -0.08
N VAL A 625 19.11 -2.67 -0.51
CA VAL A 625 19.67 -1.67 0.40
C VAL A 625 19.32 -0.27 -0.09
N GLN A 626 19.03 0.65 0.83
CA GLN A 626 18.73 2.03 0.46
C GLN A 626 19.45 3.03 1.36
N LEU A 627 19.88 4.14 0.76
CA LEU A 627 20.51 5.24 1.50
C LEU A 627 19.95 6.57 1.03
N ASN A 628 19.33 7.32 1.94
CA ASN A 628 18.73 8.59 1.58
C ASN A 628 19.19 9.75 2.46
N TYR A 629 18.78 10.96 2.10
CA TYR A 629 19.14 12.16 2.84
C TYR A 629 18.19 13.30 2.53
N ARG A 630 17.77 14.02 3.57
CA ARG A 630 16.89 15.17 3.39
C ARG A 630 17.33 16.37 4.23
N TYR A 631 17.14 17.56 3.67
CA TYR A 631 17.56 18.79 4.32
C TYR A 631 16.57 19.93 4.10
N ALA A 632 16.22 20.61 5.19
CA ALA A 632 15.37 21.79 5.14
C ALA A 632 15.93 22.87 6.05
N SER A 633 16.33 23.99 5.46
CA SER A 633 16.99 25.08 6.19
C SER A 633 16.09 25.72 7.25
N PRO A 634 16.71 26.22 8.32
CA PRO A 634 16.00 26.93 9.40
C PRO A 634 15.24 28.16 8.89
N GLU A 635 15.78 28.83 7.89
CA GLU A 635 15.14 29.99 7.30
C GLU A 635 13.83 29.60 6.61
N TYR A 636 13.84 28.44 5.96
CA TYR A 636 12.66 27.92 5.29
C TYR A 636 11.54 27.68 6.30
N ILE A 637 11.91 27.11 7.45
CA ILE A 637 10.95 26.85 8.52
C ILE A 637 10.46 28.15 9.14
N GLN A 638 11.36 29.12 9.26
CA GLN A 638 11.02 30.41 9.86
C GLN A 638 10.04 31.20 8.98
N ALA A 639 10.24 31.13 7.67
CA ALA A 639 9.41 31.87 6.73
C ALA A 639 8.08 31.17 6.46
N THR A 640 8.14 29.87 6.18
CA THR A 640 6.93 29.12 5.83
C THR A 640 6.06 28.81 7.04
N LEU A 641 6.69 28.42 8.14
CA LEU A 641 5.97 28.05 9.36
C LEU A 641 6.27 29.01 10.51
N PRO A 642 5.44 30.06 10.66
CA PRO A 642 5.59 30.99 11.78
C PRO A 642 5.27 30.32 13.11
N SER A 643 5.71 30.92 14.22
CA SER A 643 5.51 30.39 15.56
C SER A 643 6.22 29.05 15.82
N TYR A 644 6.44 28.27 14.76
CA TYR A 644 7.18 27.02 14.86
C TYR A 644 8.67 27.29 15.06
N SER A 645 9.16 28.35 14.44
CA SER A 645 10.57 28.73 14.54
C SER A 645 10.91 29.23 15.94
N THR A 646 9.90 29.65 16.68
CA THR A 646 10.09 30.11 18.05
C THR A 646 10.47 28.96 18.98
N ALA A 647 9.94 27.78 18.68
CA ALA A 647 10.26 26.58 19.46
C ALA A 647 11.68 26.11 19.14
N ALA A 648 12.25 25.30 20.03
CA ALA A 648 13.63 24.85 19.90
C ALA A 648 13.75 23.59 19.02
N GLN A 649 12.66 22.84 18.92
CA GLN A 649 12.68 21.58 18.19
C GLN A 649 12.42 21.75 16.70
N TYR A 650 11.83 22.89 16.33
CA TYR A 650 11.55 23.18 14.92
C TYR A 650 12.45 24.28 14.39
N LYS A 651 13.35 24.77 15.24
CA LYS A 651 14.22 25.89 14.87
C LYS A 651 15.33 25.47 13.92
N GLN A 652 16.01 24.36 14.25
CA GLN A 652 17.16 23.92 13.49
C GLN A 652 16.79 23.35 12.13
N GLY A 653 15.51 23.05 11.93
CA GLY A 653 15.05 22.50 10.67
C GLY A 653 15.38 21.04 10.52
N ILE A 654 15.60 20.61 9.27
CA ILE A 654 15.83 19.20 8.98
C ILE A 654 17.20 18.98 8.32
N SER A 655 17.84 17.87 8.65
CA SER A 655 19.10 17.46 8.03
C SER A 655 19.42 16.02 8.39
N GLN A 656 18.60 15.08 7.91
CA GLN A 656 18.72 13.70 8.35
C GLN A 656 19.18 12.76 7.23
N VAL A 657 19.87 11.70 7.64
CA VAL A 657 20.31 10.65 6.73
C VAL A 657 19.60 9.34 7.07
N GLY A 658 19.03 8.70 6.06
CA GLY A 658 18.30 7.47 6.25
C GLY A 658 19.04 6.24 5.73
N MET A 659 19.06 5.19 6.55
CA MET A 659 19.71 3.94 6.17
C MET A 659 18.73 2.77 6.21
N THR A 660 18.86 1.87 5.23
CA THR A 660 18.00 0.69 5.16
C THR A 660 18.77 -0.51 4.63
N ALA A 661 19.07 -1.46 5.51
CA ALA A 661 19.83 -2.65 5.12
C ALA A 661 18.97 -3.90 5.16
N SER A 662 19.04 -4.70 4.10
CA SER A 662 18.30 -5.95 4.03
C SER A 662 18.99 -6.94 3.10
N TRP A 663 19.98 -7.66 3.63
CA TRP A 663 20.69 -8.67 2.85
C TRP A 663 20.84 -9.95 3.67
N PRO A 664 20.30 -11.06 3.15
CA PRO A 664 20.27 -12.35 3.85
C PRO A 664 21.66 -12.94 4.08
N ILE A 665 22.00 -13.21 5.33
CA ILE A 665 23.28 -13.82 5.68
C ILE A 665 23.23 -15.33 5.40
N VAL A 666 22.24 -15.99 5.99
CA VAL A 666 22.04 -17.43 5.81
C VAL A 666 20.75 -17.67 5.01
N ASP A 667 20.72 -18.75 4.24
CA ASP A 667 19.55 -19.09 3.45
C ASP A 667 18.40 -19.63 4.30
N ARG A 668 18.08 -18.91 5.37
CA ARG A 668 17.02 -19.30 6.29
C ARG A 668 16.62 -18.11 7.15
N TRP A 669 17.61 -17.42 7.69
CA TRP A 669 17.37 -16.27 8.54
C TRP A 669 17.28 -14.98 7.72
N SER A 670 16.30 -14.13 8.05
CA SER A 670 16.13 -12.87 7.35
C SER A 670 16.59 -11.70 8.23
N VAL A 671 17.71 -11.10 7.84
CA VAL A 671 18.27 -9.99 8.61
C VAL A 671 17.73 -8.65 8.12
N VAL A 672 17.30 -7.81 9.06
CA VAL A 672 16.69 -6.53 8.74
C VAL A 672 17.24 -5.40 9.61
N GLY A 673 17.67 -4.31 8.97
CA GLY A 673 18.20 -3.17 9.68
C GLY A 673 17.78 -1.84 9.09
N ALA A 674 17.77 -0.80 9.92
CA ALA A 674 17.42 0.54 9.48
C ALA A 674 17.98 1.58 10.46
N TYR A 675 18.35 2.74 9.96
CA TYR A 675 18.97 3.76 10.81
C TYR A 675 18.79 5.18 10.27
N TYR A 676 17.83 5.90 10.83
CA TYR A 676 17.62 7.31 10.52
C TYR A 676 18.29 8.19 11.56
N TYR A 677 19.26 9.00 11.12
CA TYR A 677 20.10 9.78 12.03
C TYR A 677 20.14 11.26 11.64
N ASP A 678 19.88 12.12 12.63
CA ASP A 678 19.92 13.57 12.41
C ASP A 678 21.35 14.08 12.56
N THR A 679 21.72 15.05 11.73
CA THR A 679 23.07 15.59 11.74
C THR A 679 23.15 16.94 12.45
N ASN A 680 22.01 17.61 12.59
CA ASN A 680 21.95 18.90 13.27
C ASN A 680 22.19 18.77 14.77
N THR A 681 21.43 17.89 15.41
CA THR A 681 21.56 17.66 16.85
C THR A 681 22.38 16.41 17.14
N ARG A 682 23.04 15.91 16.10
CA ARG A 682 23.85 14.67 16.14
C ARG A 682 23.25 13.56 17.00
N LYS A 683 21.93 13.39 16.92
CA LYS A 683 21.25 12.33 17.67
C LYS A 683 20.48 11.41 16.72
N ALA A 684 20.50 10.12 17.02
CA ALA A 684 19.78 9.13 16.22
C ALA A 684 18.28 9.24 16.47
N ALA A 685 17.54 9.65 15.45
CA ALA A 685 16.09 9.83 15.56
C ALA A 685 15.38 8.49 15.56
N ASN A 686 15.84 7.56 14.73
CA ASN A 686 15.22 6.26 14.61
C ASN A 686 16.20 5.16 14.24
N GLN A 687 15.90 3.93 14.67
CA GLN A 687 16.72 2.77 14.34
C GLN A 687 15.93 1.48 14.57
N MET A 688 16.10 0.53 13.66
CA MET A 688 15.38 -0.74 13.73
C MET A 688 16.27 -1.94 13.44
N LEU A 689 16.15 -2.97 14.27
CA LEU A 689 16.91 -4.20 14.07
C LEU A 689 16.00 -5.41 14.27
N GLY A 690 15.71 -6.13 13.20
CA GLY A 690 14.81 -7.26 13.26
C GLY A 690 15.35 -8.53 12.61
N VAL A 691 15.00 -9.67 13.18
CA VAL A 691 15.42 -10.97 12.65
C VAL A 691 14.24 -11.94 12.58
N GLN A 692 14.40 -13.00 11.79
CA GLN A 692 13.33 -13.98 11.60
C GLN A 692 13.88 -15.39 11.38
N TYR A 693 13.11 -16.38 11.84
CA TYR A 693 13.51 -17.79 11.70
C TYR A 693 12.51 -18.58 10.87
N ASN A 694 12.77 -18.68 9.57
CA ASN A 694 11.88 -19.41 8.68
C ASN A 694 12.36 -20.84 8.43
N SER A 695 11.86 -21.77 9.22
CA SER A 695 12.19 -23.18 9.05
C SER A 695 11.49 -23.73 7.80
N CYS A 696 10.27 -24.24 7.98
CA CYS A 696 9.47 -24.74 6.87
C CYS A 696 8.01 -24.90 7.28
N CYS A 697 7.78 -25.19 8.56
CA CYS A 697 6.43 -25.41 9.06
C CYS A 697 6.02 -24.35 10.07
N TYR A 698 6.98 -23.54 10.51
CA TYR A 698 6.70 -22.48 11.47
C TYR A 698 7.71 -21.35 11.31
N ALA A 699 7.43 -20.21 11.94
CA ALA A 699 8.30 -19.06 11.86
C ALA A 699 8.11 -18.09 13.03
N ILE A 700 9.22 -17.72 13.66
CA ILE A 700 9.19 -16.73 14.73
C ILE A 700 10.04 -15.53 14.36
N ARG A 701 9.51 -14.33 14.56
CA ARG A 701 10.22 -13.11 14.25
C ARG A 701 10.34 -12.20 15.48
N LEU A 702 11.54 -11.62 15.63
CA LEU A 702 11.83 -10.69 16.71
C LEU A 702 12.24 -9.33 16.15
N GLY A 703 11.48 -8.30 16.49
CA GLY A 703 11.76 -6.96 16.00
C GLY A 703 12.13 -5.98 17.10
N TYR A 704 13.11 -5.13 16.82
CA TYR A 704 13.50 -4.08 17.75
C TYR A 704 13.38 -2.72 17.08
N GLU A 705 12.78 -1.76 17.79
CA GLU A 705 12.56 -0.44 17.23
C GLU A 705 12.76 0.67 18.26
N ARG A 706 13.84 1.42 18.11
CA ARG A 706 14.07 2.60 18.95
C ARG A 706 13.74 3.85 18.14
N LYS A 707 12.89 4.71 18.70
CA LYS A 707 12.42 5.86 17.96
C LYS A 707 12.18 7.07 18.84
N VAL A 708 12.21 8.26 18.24
CA VAL A 708 11.84 9.48 18.93
C VAL A 708 10.31 9.57 18.99
N ASN A 709 9.77 9.95 20.13
CA ASN A 709 8.32 10.00 20.31
C ASN A 709 7.80 11.41 20.57
N GLY A 710 8.17 11.97 21.71
CA GLY A 710 7.70 13.29 22.09
C GLY A 710 8.83 14.21 22.52
N TRP A 711 8.48 15.46 22.84
CA TRP A 711 9.46 16.43 23.28
C TRP A 711 9.40 16.63 24.79
N ASN A 712 10.56 16.67 25.42
CA ASN A 712 10.64 16.83 26.86
C ASN A 712 10.80 18.29 27.26
N SER A 713 9.82 18.82 27.98
CA SER A 713 9.84 20.22 28.40
C SER A 713 10.82 20.44 29.55
N ASN A 714 10.90 21.68 30.02
CA ASN A 714 11.80 22.07 31.10
C ASN A 714 13.26 21.73 30.81
N ASP A 715 13.90 21.07 31.78
CA ASP A 715 15.30 20.68 31.67
C ASP A 715 16.20 21.87 31.38
N ASN A 716 17.22 21.64 30.56
CA ASN A 716 18.16 22.70 30.20
C ASN A 716 17.93 23.15 28.76
N GLY A 717 16.67 23.42 28.44
CA GLY A 717 16.29 23.80 27.09
C GLY A 717 15.32 22.79 26.50
N GLY A 718 15.52 21.53 26.84
CA GLY A 718 14.66 20.46 26.37
C GLY A 718 15.37 19.48 25.47
N GLU A 719 14.94 18.22 25.51
CA GLU A 719 15.51 17.19 24.66
C GLU A 719 14.41 16.28 24.11
N SER A 720 14.80 15.34 23.26
CA SER A 720 13.85 14.42 22.65
C SER A 720 13.64 13.17 23.49
N LYS A 721 12.40 12.73 23.59
CA LYS A 721 12.07 11.51 24.32
C LYS A 721 12.29 10.29 23.43
N TYR A 722 12.95 9.27 23.98
CA TYR A 722 13.23 8.05 23.23
C TYR A 722 12.42 6.87 23.73
N ASP A 723 11.93 6.05 22.80
CA ASP A 723 11.15 4.87 23.14
C ASP A 723 11.65 3.64 22.40
N ASN A 724 11.90 2.57 23.14
CA ASN A 724 12.31 1.29 22.56
C ASN A 724 11.14 0.32 22.51
N THR A 725 11.17 -0.61 21.57
CA THR A 725 10.07 -1.55 21.41
C THR A 725 10.53 -2.90 20.88
N PHE A 726 10.34 -3.95 21.69
CA PHE A 726 10.61 -5.31 21.26
C PHE A 726 9.30 -5.97 20.82
N GLY A 727 9.41 -6.93 19.90
CA GLY A 727 8.23 -7.59 19.37
C GLY A 727 8.47 -9.03 18.99
N ILE A 728 7.75 -9.94 19.65
CA ILE A 728 7.82 -11.37 19.34
C ILE A 728 6.55 -11.83 18.66
N ASN A 729 6.65 -12.18 17.38
CA ASN A 729 5.50 -12.64 16.63
C ASN A 729 5.72 -14.04 16.05
N ILE A 730 4.70 -14.88 16.13
CA ILE A 730 4.83 -16.25 15.66
C ILE A 730 3.75 -16.63 14.66
N GLU A 731 4.17 -17.05 13.48
CA GLU A 731 3.24 -17.53 12.45
C GLU A 731 3.53 -18.97 12.07
N LEU A 732 2.51 -19.81 12.13
CA LEU A 732 2.63 -21.22 11.78
C LEU A 732 2.90 -21.37 10.28
N ARG A 733 1.81 -21.31 9.51
CA ARG A 733 1.87 -21.39 8.05
C ARG A 733 2.50 -22.70 7.57
N GLY A 734 2.74 -22.79 6.27
CA GLY A 734 3.28 -24.00 5.68
C GLY A 734 2.16 -24.95 5.28
N LEU A 735 0.95 -24.66 5.73
CA LEU A 735 -0.19 -25.51 5.39
C LEU A 735 -0.84 -24.99 4.12
N SER A 736 -1.65 -23.95 4.25
CA SER A 736 -2.21 -23.27 3.09
C SER A 736 -1.08 -22.55 2.35
N SER A 737 -0.01 -22.27 3.08
CA SER A 737 1.24 -21.75 2.53
C SER A 737 1.06 -20.46 1.73
N ASN A 738 2.07 -20.14 0.93
CA ASN A 738 2.22 -18.86 0.24
C ASN A 738 2.59 -17.77 1.26
N TYR A 739 3.44 -18.14 2.22
CA TYR A 739 3.89 -17.20 3.23
C TYR A 739 5.36 -17.40 3.61
N GLY A 740 5.68 -17.08 4.85
CA GLY A 740 7.04 -17.04 5.32
C GLY A 740 7.64 -15.68 5.01
N LEU A 741 8.87 -15.68 4.53
CA LEU A 741 9.57 -14.48 4.07
C LEU A 741 9.48 -13.30 5.03
N GLY A 742 8.89 -12.22 4.54
CA GLY A 742 8.93 -10.94 5.21
C GLY A 742 9.65 -9.99 4.27
N THR A 743 10.73 -10.50 3.66
CA THR A 743 11.48 -9.80 2.62
C THR A 743 11.77 -8.34 2.97
N GLN A 744 10.74 -7.50 2.80
CA GLN A 744 10.83 -6.08 3.08
C GLN A 744 9.78 -5.64 4.09
N GLN A 745 8.83 -6.54 4.39
CA GLN A 745 7.75 -6.25 5.31
C GLN A 745 8.26 -5.62 6.60
N MET A 746 9.30 -6.22 7.14
CA MET A 746 9.91 -5.76 8.38
C MET A 746 10.48 -4.34 8.27
N LEU A 747 10.79 -3.91 7.04
CA LEU A 747 11.31 -2.56 6.82
C LEU A 747 10.23 -1.51 7.07
N ARG A 748 9.10 -1.63 6.40
CA ARG A 748 7.99 -0.71 6.59
C ARG A 748 7.23 -1.03 7.87
N SER A 749 7.59 -0.38 8.96
CA SER A 749 6.95 -0.58 10.25
C SER A 749 7.31 0.56 11.22
N ASN A 750 8.44 1.20 10.95
CA ASN A 750 8.91 2.30 11.79
C ASN A 750 8.10 3.58 11.58
N ILE A 751 8.46 4.62 12.32
CA ILE A 751 7.83 5.93 12.13
C ILE A 751 8.28 6.53 10.80
N LEU A 752 9.42 6.08 10.30
CA LEU A 752 9.90 6.47 8.99
C LEU A 752 10.10 5.23 8.12
N PRO A 753 9.04 4.80 7.41
CA PRO A 753 9.04 3.58 6.61
C PRO A 753 9.99 3.63 5.42
N TYR A 754 10.29 2.47 4.86
CA TYR A 754 11.13 2.36 3.67
C TYR A 754 10.30 2.38 2.40
N GLN A 755 10.52 3.40 1.56
CA GLN A 755 9.79 3.50 0.31
C GLN A 755 10.62 3.00 -0.87
N SER A 756 9.93 2.47 -1.87
CA SER A 756 10.59 1.97 -3.08
C SER A 756 10.95 3.10 -4.04
N SER A 757 12.20 3.53 -4.00
CA SER A 757 12.67 4.61 -4.86
C SER A 757 13.48 4.10 -6.04
N LEU A 758 13.26 2.83 -6.39
CA LEU A 758 13.94 2.17 -7.51
C LEU A 758 15.46 2.26 -7.38
N GLY B 1 23.23 22.65 -34.50
CA GLY B 1 22.59 22.36 -35.76
C GLY B 1 22.28 20.89 -35.95
N TRP B 2 21.83 20.24 -34.88
CA TRP B 2 21.50 18.82 -34.93
C TRP B 2 20.04 18.60 -35.34
N HIS B 3 19.72 17.38 -35.73
CA HIS B 3 18.37 17.03 -36.16
C HIS B 3 17.36 17.18 -35.03
N LEU B 4 16.18 17.69 -35.36
CA LEU B 4 15.12 17.89 -34.38
C LEU B 4 14.14 16.71 -34.39
N ARG B 5 13.06 16.84 -33.63
CA ARG B 5 12.06 15.78 -33.48
C ARG B 5 12.69 14.50 -32.91
N SER B 6 12.53 14.31 -31.60
CA SER B 6 13.19 13.21 -30.91
C SER B 6 12.26 12.38 -30.04
N THR B 7 12.86 11.65 -29.10
CA THR B 7 12.17 10.72 -28.21
C THR B 7 11.35 9.70 -29.00
N THR B 8 11.77 9.46 -30.24
CA THR B 8 11.05 8.64 -31.22
C THR B 8 9.64 9.19 -31.46
N LYS B 9 9.41 9.63 -32.69
CA LYS B 9 8.10 10.12 -33.10
C LYS B 9 7.05 9.06 -32.77
N VAL B 10 5.98 9.48 -32.08
CA VAL B 10 4.93 8.57 -31.63
C VAL B 10 4.48 7.64 -32.75
N PRO B 11 4.72 6.34 -32.58
CA PRO B 11 4.57 5.29 -33.61
C PRO B 11 3.33 5.45 -34.48
N THR B 12 3.54 5.55 -35.78
CA THR B 12 2.46 5.70 -36.74
C THR B 12 1.55 4.47 -36.72
N THR B 13 2.09 3.35 -36.25
CA THR B 13 1.30 2.15 -36.04
C THR B 13 0.27 2.41 -34.93
N MET B 14 0.65 3.25 -33.98
CA MET B 14 -0.23 3.60 -32.87
C MET B 14 -0.66 5.06 -32.93
N LYS B 15 -0.80 5.58 -34.15
CA LYS B 15 -1.31 6.94 -34.34
C LYS B 15 -2.77 7.00 -33.94
N THR B 16 -3.45 5.86 -34.09
CA THR B 16 -4.83 5.71 -33.63
C THR B 16 -4.90 4.54 -32.67
N MET B 17 -5.36 4.80 -31.44
CA MET B 17 -5.30 3.80 -30.39
C MET B 17 -6.58 3.70 -29.57
N ILE B 18 -6.80 2.53 -28.97
CA ILE B 18 -7.94 2.29 -28.10
C ILE B 18 -7.50 2.29 -26.64
N LEU B 19 -8.25 2.97 -25.78
CA LEU B 19 -7.91 3.04 -24.36
C LEU B 19 -8.85 2.17 -23.51
N GLN B 20 -8.28 1.20 -22.82
CA GLN B 20 -9.06 0.33 -21.95
C GLN B 20 -8.65 0.52 -20.48
N SER B 21 -9.65 0.50 -19.60
CA SER B 21 -9.41 0.66 -18.17
C SER B 21 -10.61 0.18 -17.37
N SER B 22 -10.37 -0.21 -16.12
CA SER B 22 -11.45 -0.63 -15.23
C SER B 22 -12.32 0.55 -14.85
N ASP B 23 -11.68 1.70 -14.61
CA ASP B 23 -12.39 2.92 -14.29
C ASP B 23 -11.98 4.04 -15.25
N PRO B 24 -12.73 4.19 -16.35
CA PRO B 24 -12.44 5.20 -17.38
C PRO B 24 -12.72 6.62 -16.91
N ASN B 25 -13.48 6.75 -15.83
CA ASN B 25 -13.82 8.05 -15.28
C ASN B 25 -12.85 8.48 -14.20
N GLY B 26 -11.90 7.61 -13.88
CA GLY B 26 -10.90 7.89 -12.87
C GLY B 26 -9.96 8.98 -13.31
N PRO B 27 -9.24 9.59 -12.35
CA PRO B 27 -8.29 10.67 -12.63
C PRO B 27 -7.16 10.21 -13.54
N LEU B 28 -6.61 9.02 -13.26
CA LEU B 28 -5.53 8.47 -14.06
C LEU B 28 -5.95 8.29 -15.51
N SER B 29 -7.12 7.71 -15.72
CA SER B 29 -7.64 7.45 -17.06
C SER B 29 -7.83 8.74 -17.84
N ARG B 30 -8.45 9.73 -17.23
CA ARG B 30 -8.73 10.99 -17.90
C ARG B 30 -7.43 11.74 -18.20
N ALA B 31 -6.48 11.70 -17.27
CA ALA B 31 -5.19 12.32 -17.49
C ALA B 31 -4.44 11.65 -18.64
N VAL B 32 -4.58 10.33 -18.73
CA VAL B 32 -3.95 9.55 -19.78
C VAL B 32 -4.53 9.89 -21.15
N ARG B 33 -5.87 9.88 -21.25
CA ARG B 33 -6.52 10.15 -22.54
C ARG B 33 -6.35 11.61 -22.95
N ASN B 34 -6.19 12.49 -21.97
CA ASN B 34 -5.91 13.90 -22.26
C ASN B 34 -4.48 14.08 -22.76
N GLN B 35 -3.55 13.32 -22.17
CA GLN B 35 -2.17 13.34 -22.60
C GLN B 35 -2.03 12.74 -23.99
N LEU B 36 -2.92 11.80 -24.31
CA LEU B 36 -3.00 11.21 -25.64
C LEU B 36 -3.56 12.22 -26.63
N ARG B 37 -4.58 12.95 -26.20
CA ARG B 37 -5.16 14.01 -27.01
C ARG B 37 -4.13 15.10 -27.33
N LEU B 38 -3.23 15.32 -26.37
CA LEU B 38 -2.19 16.34 -26.53
C LEU B 38 -1.17 15.94 -27.60
N ASN B 39 -0.83 14.65 -27.65
CA ASN B 39 0.17 14.17 -28.61
C ASN B 39 -0.41 13.89 -29.98
N GLY B 40 -1.66 14.28 -30.20
CA GLY B 40 -2.31 14.09 -31.47
C GLY B 40 -2.56 12.63 -31.80
N VAL B 41 -3.15 11.92 -30.85
CA VAL B 41 -3.49 10.52 -31.05
C VAL B 41 -5.01 10.34 -31.07
N ASP B 42 -5.50 9.61 -32.07
CA ASP B 42 -6.93 9.38 -32.22
C ASP B 42 -7.41 8.27 -31.30
N LEU B 43 -8.47 8.53 -30.54
CA LEU B 43 -9.03 7.55 -29.64
C LEU B 43 -10.34 6.98 -30.17
N ILE B 44 -10.35 5.68 -30.47
CA ILE B 44 -11.55 5.00 -30.96
C ILE B 44 -11.93 3.85 -30.03
N ASP B 45 -13.22 3.63 -29.86
CA ASP B 45 -13.72 2.57 -29.00
C ASP B 45 -13.42 1.18 -29.58
N ALA B 46 -13.73 0.15 -28.81
CA ALA B 46 -13.51 -1.23 -29.25
C ALA B 46 -14.79 -1.84 -29.79
N SER B 47 -15.52 -1.08 -30.60
CA SER B 47 -16.77 -1.55 -31.19
C SER B 47 -16.63 -1.73 -32.70
N THR B 48 -15.50 -1.32 -33.25
CA THR B 48 -15.25 -1.43 -34.68
C THR B 48 -14.64 -2.81 -34.99
N LEU B 49 -13.91 -2.89 -36.09
CA LEU B 49 -13.29 -4.15 -36.50
C LEU B 49 -12.15 -4.53 -35.56
N ARG B 50 -11.24 -3.57 -35.33
CA ARG B 50 -10.09 -3.77 -34.43
C ARG B 50 -9.25 -4.97 -34.84
N LYS B 51 -8.48 -4.81 -35.91
CA LYS B 51 -7.59 -5.87 -36.39
C LYS B 51 -6.13 -5.42 -36.32
N ASP B 52 -5.86 -4.25 -36.87
CA ASP B 52 -4.50 -3.72 -36.90
C ASP B 52 -4.26 -2.72 -35.77
N VAL B 53 -5.34 -2.31 -35.12
CA VAL B 53 -5.27 -1.29 -34.07
C VAL B 53 -4.96 -1.90 -32.71
N PRO B 54 -3.85 -1.47 -32.10
CA PRO B 54 -3.46 -1.91 -30.75
C PRO B 54 -4.28 -1.23 -29.66
N SER B 55 -3.99 -1.52 -28.40
CA SER B 55 -4.72 -0.93 -27.29
C SER B 55 -3.84 -0.72 -26.06
N LEU B 56 -4.26 0.21 -25.20
CA LEU B 56 -3.55 0.49 -23.95
C LEU B 56 -4.44 0.19 -22.75
N ARG B 57 -4.08 -0.84 -21.99
CA ARG B 57 -4.87 -1.25 -20.84
C ARG B 57 -4.25 -0.76 -19.55
N LEU B 58 -5.05 -0.05 -18.75
CA LEU B 58 -4.61 0.41 -17.43
C LEU B 58 -4.91 -0.64 -16.37
N ASP B 59 -3.85 -1.18 -15.77
CA ASP B 59 -3.99 -2.23 -14.77
C ASP B 59 -4.56 -1.68 -13.46
N GLY B 60 -3.85 -0.72 -12.87
CA GLY B 60 -4.29 -0.13 -11.63
C GLY B 60 -3.24 0.81 -11.06
N SER B 61 -3.69 1.81 -10.31
CA SER B 61 -2.79 2.77 -9.69
C SER B 61 -2.77 2.61 -8.17
N SER B 62 -1.74 3.16 -7.54
CA SER B 62 -1.61 3.08 -6.08
C SER B 62 -0.69 4.17 -5.56
N ILE B 63 -1.23 5.02 -4.69
CA ILE B 63 -0.47 6.13 -4.11
C ILE B 63 -0.02 5.81 -2.69
N GLN B 64 1.27 6.00 -2.42
CA GLN B 64 1.82 5.67 -1.11
C GLN B 64 2.35 6.91 -0.39
N LYS B 65 1.75 7.23 0.74
CA LYS B 65 2.15 8.38 1.54
C LYS B 65 2.78 7.96 2.87
N ASP B 66 4.10 8.07 2.95
CA ASP B 66 4.82 7.73 4.17
C ASP B 66 5.61 8.92 4.69
N THR B 67 6.10 8.80 5.92
CA THR B 67 6.88 9.86 6.54
C THR B 67 8.30 9.89 6.01
N ALA B 68 8.67 10.98 5.36
CA ALA B 68 10.00 11.15 4.80
C ALA B 68 11.01 11.53 5.89
N SER B 69 10.65 12.55 6.67
CA SER B 69 11.52 13.01 7.73
C SER B 69 10.70 13.53 8.93
N VAL B 70 11.38 13.77 10.04
CA VAL B 70 10.73 14.27 11.25
C VAL B 70 11.56 15.37 11.90
N PHE B 71 10.94 16.10 12.82
CA PHE B 71 11.65 17.15 13.57
C PHE B 71 12.43 16.55 14.73
N GLN B 72 12.51 17.30 15.82
CA GLN B 72 13.23 16.85 17.01
C GLN B 72 12.25 16.38 18.08
N ASP B 73 10.95 16.52 17.82
CA ASP B 73 9.94 16.14 18.78
C ASP B 73 9.22 14.85 18.35
N GLY B 74 9.59 14.33 17.19
CA GLY B 74 9.03 13.08 16.70
C GLY B 74 7.91 13.26 15.70
N ARG B 75 7.34 14.46 15.66
CA ARG B 75 6.26 14.76 14.74
C ARG B 75 6.77 14.84 13.30
N THR B 76 5.87 14.64 12.34
CA THR B 76 6.23 14.63 10.92
C THR B 76 6.68 16.00 10.43
N ALA B 77 7.80 16.02 9.72
CA ALA B 77 8.27 17.24 9.07
C ALA B 77 7.63 17.36 7.69
N GLU B 78 7.88 16.37 6.84
CA GLU B 78 7.34 16.38 5.49
C GLU B 78 6.98 14.97 5.04
N TYR B 79 5.87 14.85 4.31
CA TYR B 79 5.43 13.58 3.75
C TYR B 79 5.92 13.41 2.32
N GLN B 80 6.32 12.19 1.97
CA GLN B 80 6.74 11.87 0.61
C GLN B 80 5.72 10.96 -0.07
N MET B 81 5.19 11.40 -1.20
CA MET B 81 4.16 10.65 -1.91
C MET B 81 4.71 9.93 -3.13
N VAL B 82 4.34 8.67 -3.26
CA VAL B 82 4.78 7.83 -4.37
C VAL B 82 3.60 7.21 -5.10
N MET B 83 3.35 7.66 -6.33
CA MET B 83 2.26 7.14 -7.13
C MET B 83 2.74 6.03 -8.07
N THR B 84 2.33 4.80 -7.80
CA THR B 84 2.70 3.67 -8.63
C THR B 84 1.58 3.33 -9.61
N VAL B 85 1.93 3.26 -10.90
CA VAL B 85 0.95 2.99 -11.95
C VAL B 85 1.38 1.82 -12.83
N HIS B 86 0.48 0.85 -12.98
CA HIS B 86 0.72 -0.33 -13.81
C HIS B 86 -0.14 -0.28 -15.07
N ALA B 87 0.46 -0.60 -16.21
CA ALA B 87 -0.25 -0.61 -17.48
C ALA B 87 0.28 -1.72 -18.38
N SER B 88 -0.33 -1.87 -19.56
CA SER B 88 0.08 -2.90 -20.50
C SER B 88 -0.37 -2.58 -21.93
N VAL B 89 0.54 -2.73 -22.88
CA VAL B 89 0.22 -2.50 -24.29
C VAL B 89 -0.14 -3.81 -24.99
N LEU B 90 -1.31 -3.83 -25.60
CA LEU B 90 -1.81 -5.03 -26.27
C LEU B 90 -1.86 -4.85 -27.78
N ILE B 91 -0.93 -5.49 -28.48
CA ILE B 91 -0.91 -5.47 -29.93
C ILE B 91 -1.46 -6.78 -30.48
N PRO B 92 -2.48 -6.70 -31.33
CA PRO B 92 -3.10 -7.89 -31.94
C PRO B 92 -2.11 -8.76 -32.71
N GLY B 93 -1.66 -9.84 -32.08
CA GLY B 93 -0.72 -10.75 -32.71
C GLY B 93 0.71 -10.57 -32.24
N HIS B 94 0.91 -9.69 -31.28
CA HIS B 94 2.25 -9.41 -30.76
C HIS B 94 2.28 -9.47 -29.24
N ASP B 95 1.39 -10.27 -28.67
CA ASP B 95 1.31 -10.47 -27.22
C ASP B 95 1.12 -9.15 -26.48
N ILE B 96 1.59 -9.08 -25.24
CA ILE B 96 1.44 -7.88 -24.42
C ILE B 96 2.80 -7.34 -23.94
N TYR B 97 2.80 -6.07 -23.52
CA TYR B 97 4.02 -5.45 -23.02
C TYR B 97 3.74 -4.58 -21.79
N PRO B 98 4.19 -5.05 -20.61
CA PRO B 98 3.94 -4.37 -19.33
C PRO B 98 4.69 -3.06 -19.17
N ILE B 99 4.02 -2.05 -18.61
CA ILE B 99 4.65 -0.76 -18.36
C ILE B 99 4.40 -0.30 -16.92
N THR B 100 5.46 -0.26 -16.13
CA THR B 100 5.35 0.16 -14.74
C THR B 100 6.04 1.51 -14.52
N THR B 101 5.30 2.48 -14.00
CA THR B 101 5.86 3.81 -13.75
C THR B 101 5.60 4.27 -12.33
N LYS B 102 6.45 5.16 -11.83
CA LYS B 102 6.31 5.68 -10.46
C LYS B 102 6.63 7.17 -10.38
N VAL B 103 5.80 7.92 -9.66
CA VAL B 103 5.98 9.35 -9.49
C VAL B 103 6.34 9.69 -8.04
N TYR B 104 7.40 10.47 -7.85
CA TYR B 104 7.89 10.77 -6.52
C TYR B 104 7.83 12.27 -6.22
N ARG B 105 7.09 12.64 -5.17
CA ARG B 105 7.09 14.02 -4.71
C ARG B 105 7.13 14.10 -3.18
N SER B 106 7.13 15.31 -2.64
CA SER B 106 7.14 15.50 -1.19
C SER B 106 6.66 16.91 -0.81
N PHE B 107 6.13 17.05 0.40
CA PHE B 107 5.65 18.35 0.87
C PHE B 107 5.60 18.42 2.39
N PHE B 108 5.82 19.60 2.93
CA PHE B 108 5.81 19.80 4.37
C PHE B 108 4.40 19.79 4.95
N ASP B 109 4.29 19.39 6.21
CA ASP B 109 3.00 19.28 6.88
C ASP B 109 2.80 20.38 7.93
N ASN B 110 1.59 20.92 7.98
CA ASN B 110 1.24 21.95 8.97
C ASN B 110 -0.12 21.67 9.59
N PRO B 111 -0.13 21.03 10.77
CA PRO B 111 -1.36 20.65 11.48
C PRO B 111 -2.32 21.81 11.65
N GLN B 112 -1.80 22.96 12.07
CA GLN B 112 -2.60 24.15 12.34
C GLN B 112 -3.55 24.49 11.19
N ALA B 113 -3.03 24.44 9.98
CA ALA B 113 -3.82 24.72 8.80
C ALA B 113 -3.98 23.46 7.95
N ALA B 114 -4.30 22.34 8.62
CA ALA B 114 -4.49 21.05 7.95
C ALA B 114 -5.32 21.15 6.69
N LEU B 115 -6.48 21.80 6.82
CA LEU B 115 -7.39 22.01 5.71
C LEU B 115 -6.65 22.51 4.48
N ALA B 116 -5.87 23.58 4.64
CA ALA B 116 -5.05 24.09 3.56
C ALA B 116 -4.14 23.00 3.00
N LYS B 117 -3.34 22.40 3.89
CA LYS B 117 -2.50 21.26 3.54
C LYS B 117 -3.27 20.09 2.89
N ASP B 118 -4.57 19.96 3.18
CA ASP B 118 -5.39 18.98 2.48
C ASP B 118 -5.55 19.39 1.02
N ALA B 119 -6.01 20.63 0.81
CA ALA B 119 -6.27 21.13 -0.53
C ALA B 119 -5.02 20.98 -1.39
N GLU B 120 -3.93 21.56 -0.89
CA GLU B 120 -2.61 21.41 -1.49
C GLU B 120 -2.33 19.97 -1.86
N GLN B 121 -2.51 19.07 -0.90
CA GLN B 121 -2.28 17.65 -1.12
C GLN B 121 -3.03 17.17 -2.35
N ASP B 122 -4.33 17.46 -2.39
CA ASP B 122 -5.16 17.07 -3.52
C ASP B 122 -4.54 17.58 -4.81
N MET B 123 -4.19 18.86 -4.83
CA MET B 123 -3.58 19.46 -6.01
C MET B 123 -2.37 18.64 -6.42
N ILE B 124 -1.49 18.35 -5.47
CA ILE B 124 -0.29 17.57 -5.74
C ILE B 124 -0.68 16.29 -6.45
N ILE B 125 -1.66 15.59 -5.88
CA ILE B 125 -2.14 14.32 -6.43
C ILE B 125 -2.45 14.49 -7.91
N GLN B 126 -3.24 15.52 -8.22
CA GLN B 126 -3.63 15.81 -9.59
C GLN B 126 -2.40 15.87 -10.47
N GLU B 127 -1.44 16.72 -10.08
CA GLU B 127 -0.23 16.89 -10.86
C GLU B 127 0.49 15.56 -10.99
N MET B 128 0.55 14.81 -9.88
CA MET B 128 1.23 13.52 -9.89
C MET B 128 0.59 12.56 -10.87
N TYR B 129 -0.72 12.69 -11.06
CA TYR B 129 -1.40 11.88 -12.06
C TYR B 129 -0.95 12.31 -13.46
N ASP B 130 -0.99 13.62 -13.71
CA ASP B 130 -0.65 14.14 -15.02
C ASP B 130 0.75 13.71 -15.44
N LYS B 131 1.72 14.01 -14.59
CA LYS B 131 3.10 13.62 -14.85
C LYS B 131 3.19 12.11 -15.09
N ALA B 132 2.43 11.34 -14.32
CA ALA B 132 2.42 9.89 -14.49
C ALA B 132 2.01 9.54 -15.91
N ALA B 133 0.94 10.17 -16.38
CA ALA B 133 0.48 9.97 -17.75
C ALA B 133 1.60 10.28 -18.72
N GLU B 134 2.31 11.37 -18.47
CA GLU B 134 3.43 11.76 -19.32
C GLU B 134 4.46 10.63 -19.33
N GLN B 135 4.78 10.12 -18.14
CA GLN B 135 5.75 9.05 -18.00
C GLN B 135 5.27 7.77 -18.70
N LEU B 136 3.96 7.65 -18.90
CA LEU B 136 3.42 6.51 -19.60
C LEU B 136 3.60 6.67 -21.11
N ILE B 137 3.51 7.91 -21.58
CA ILE B 137 3.58 8.17 -23.02
C ILE B 137 5.00 8.05 -23.54
N ARG B 138 5.96 8.51 -22.73
CA ARG B 138 7.36 8.51 -23.12
C ARG B 138 7.96 7.10 -23.17
N LYS B 139 7.26 6.14 -22.57
CA LYS B 139 7.75 4.76 -22.54
C LYS B 139 7.09 3.90 -23.62
N LEU B 140 6.46 4.55 -24.57
CA LEU B 140 5.83 3.88 -25.71
C LEU B 140 6.82 3.39 -26.78
N PRO B 141 7.82 4.22 -27.14
CA PRO B 141 8.79 3.74 -28.13
C PRO B 141 9.54 2.48 -27.73
N SER B 142 9.69 2.24 -26.43
CA SER B 142 10.30 1.00 -25.96
C SER B 142 9.44 -0.20 -26.34
N VAL B 143 8.13 -0.03 -26.21
CA VAL B 143 7.18 -1.05 -26.64
C VAL B 143 7.23 -1.22 -28.15
N GLN B 144 7.44 -0.11 -28.86
CA GLN B 144 7.55 -0.16 -30.30
C GLN B 144 8.78 -0.95 -30.77
N VAL B 145 9.92 -0.71 -30.13
CA VAL B 145 11.16 -1.37 -30.50
C VAL B 145 11.23 -2.78 -29.93
N ALA B 146 10.33 -3.09 -28.99
CA ALA B 146 10.25 -4.43 -28.43
C ALA B 146 9.78 -5.43 -29.48
N ASP B 147 9.05 -4.95 -30.48
CA ASP B 147 8.55 -5.80 -31.55
C ASP B 147 9.68 -6.27 -32.47
N VAL B 148 10.36 -7.33 -32.06
CA VAL B 148 11.46 -7.89 -32.84
C VAL B 148 11.14 -9.31 -33.28
N GLU B 149 11.85 -9.79 -34.30
CA GLU B 149 11.64 -11.13 -34.82
C GLU B 149 12.57 -12.13 -34.13
N ALA B 150 12.01 -13.24 -33.69
CA ALA B 150 12.77 -14.28 -33.01
C ALA B 150 12.13 -15.65 -33.20
#